data_4O89
#
_entry.id   4O89
#
_cell.length_a   89.900
_cell.length_b   89.900
_cell.length_c   146.891
_cell.angle_alpha   90.00
_cell.angle_beta   90.00
_cell.angle_gamma   120.00
#
_symmetry.space_group_name_H-M   'P 32 2 1'
#
loop_
_entity.id
_entity.type
_entity.pdbx_description
1 polymer "RNA 3'-terminal phosphate cyclase"
2 non-polymer 'CITRIC ACID'
3 water water
#
_entity_poly.entity_id   1
_entity_poly.type   'polypeptide(L)'
_entity_poly.pdbx_seq_one_letter_code
;MITIDGSYGEGGGQILRTSVALSTITGEPVRIVNIRANRPNPGLRPQHLHAILALKHLANAEVKGAHVGSRELVFIPKKL
EAKEISIDIGTAGSITLVLQALLPAMVFAREKVKFRITGGTDVSWSPPVDYLSNVTLFALEKIGIHGEIRVIRRGHYPKG
GGIVEGYVEPWNEKRELVAKEYSRIIKIEGISHATNLPSHVAERQARAAKDELLQLKVPIEIRTEISRSIGPGSGIVVWA
ETDCLRLGGDALGKKGKPAEIVGKEAAQELLDQLKPGHCVDKFLGDQLIPFLAFSGGVIWVSEITNHLKTNIWVVESFLG
RIFDVDGNVGEPGKIRVIRRV
;
_entity_poly.pdbx_strand_id   A,B
#
# COMPACT_ATOMS: atom_id res chain seq x y z
N MET A 1 34.66 -5.85 11.44
CA MET A 1 34.28 -4.97 10.34
C MET A 1 32.85 -4.48 10.54
N ILE A 2 32.43 -3.53 9.71
CA ILE A 2 31.05 -3.05 9.77
C ILE A 2 30.06 -4.14 9.38
N THR A 3 29.15 -4.45 10.28
CA THR A 3 28.13 -5.46 10.04
C THR A 3 26.74 -4.83 9.96
N ILE A 4 26.03 -5.12 8.87
CA ILE A 4 24.71 -4.55 8.62
C ILE A 4 23.65 -5.64 8.73
N ASP A 5 22.62 -5.38 9.52
CA ASP A 5 21.51 -6.31 9.66
C ASP A 5 20.49 -6.10 8.54
N GLY A 6 20.50 -7.03 7.57
CA GLY A 6 19.62 -6.92 6.41
C GLY A 6 18.14 -7.05 6.74
N SER A 7 17.81 -7.45 7.96
CA SER A 7 16.40 -7.49 8.36
C SER A 7 15.93 -6.15 8.95
N TYR A 8 16.86 -5.21 9.14
CA TYR A 8 16.48 -3.92 9.70
C TYR A 8 15.40 -3.22 8.85
N GLY A 9 14.38 -2.71 9.54
CA GLY A 9 13.37 -1.86 8.93
C GLY A 9 12.56 -2.58 7.87
N GLU A 10 12.57 -2.02 6.68
CA GLU A 10 11.82 -2.51 5.53
C GLU A 10 12.40 -3.84 5.01
N GLY A 11 13.66 -4.10 5.38
CA GLY A 11 14.33 -5.38 5.12
C GLY A 11 14.26 -5.98 3.72
N GLY A 12 14.62 -5.18 2.70
CA GLY A 12 14.59 -5.63 1.31
C GLY A 12 15.93 -5.43 0.62
N GLY A 13 15.89 -5.16 -0.69
CA GLY A 13 17.13 -4.97 -1.43
C GLY A 13 17.83 -3.62 -1.24
N GLN A 14 17.10 -2.61 -0.79
CA GLN A 14 17.67 -1.27 -0.67
C GLN A 14 18.85 -1.27 0.31
N ILE A 15 18.66 -1.89 1.46
CA ILE A 15 19.69 -1.89 2.48
C ILE A 15 20.92 -2.61 1.95
N LEU A 16 20.67 -3.63 1.14
CA LEU A 16 21.74 -4.40 0.53
C LEU A 16 22.54 -3.53 -0.42
N ARG A 17 21.85 -2.88 -1.37
CA ARG A 17 22.50 -2.04 -2.38
C ARG A 17 23.30 -0.87 -1.80
N THR A 18 22.67 -0.10 -0.91
CA THR A 18 23.34 1.04 -0.29
C THR A 18 24.57 0.65 0.54
N SER A 19 24.48 -0.48 1.25
CA SER A 19 25.61 -0.97 2.07
C SER A 19 26.87 -1.24 1.24
N VAL A 20 26.70 -1.94 0.13
CA VAL A 20 27.85 -2.22 -0.73
C VAL A 20 28.41 -0.92 -1.34
N ALA A 21 27.50 -0.01 -1.67
CA ALA A 21 27.89 1.28 -2.23
C ALA A 21 28.74 2.05 -1.22
N LEU A 22 28.31 2.03 0.05
CA LEU A 22 29.06 2.78 1.06
C LEU A 22 30.41 2.10 1.32
N SER A 23 30.42 0.78 1.32
CA SER A 23 31.68 0.03 1.47
C SER A 23 32.65 0.47 0.38
N THR A 24 32.14 0.49 -0.84
CA THR A 24 32.91 0.93 -1.99
C THR A 24 33.45 2.37 -1.84
N ILE A 25 32.64 3.26 -1.30
CA ILE A 25 33.07 4.65 -1.13
C ILE A 25 34.08 4.83 0.01
N THR A 26 33.83 4.19 1.15
CA THR A 26 34.65 4.38 2.34
C THR A 26 35.92 3.55 2.33
N GLY A 27 35.89 2.45 1.59
CA GLY A 27 36.98 1.49 1.63
C GLY A 27 36.89 0.54 2.81
N GLU A 28 35.85 0.69 3.64
CA GLU A 28 35.68 -0.21 4.76
C GLU A 28 34.91 -1.45 4.35
N PRO A 29 35.41 -2.64 4.74
CA PRO A 29 34.72 -3.88 4.37
C PRO A 29 33.40 -4.01 5.13
N VAL A 30 32.47 -4.79 4.59
CA VAL A 30 31.15 -4.88 5.18
C VAL A 30 30.66 -6.31 5.15
N ARG A 31 29.95 -6.69 6.20
CA ARG A 31 29.26 -7.96 6.25
C ARG A 31 27.79 -7.62 6.36
N ILE A 32 26.97 -8.21 5.50
CA ILE A 32 25.52 -8.05 5.59
C ILE A 32 24.84 -9.39 5.86
N VAL A 33 24.05 -9.45 6.92
CA VAL A 33 23.36 -10.69 7.29
C VAL A 33 21.84 -10.53 7.15
N ASN A 34 21.13 -11.65 7.24
CA ASN A 34 19.66 -11.66 7.14
C ASN A 34 19.14 -11.01 5.85
N ILE A 35 19.88 -11.17 4.77
CA ILE A 35 19.53 -10.51 3.50
C ILE A 35 18.09 -10.75 3.03
N ARG A 36 17.38 -9.65 2.82
CA ARG A 36 16.00 -9.66 2.30
C ARG A 36 15.04 -10.50 3.12
N ALA A 37 15.13 -10.38 4.45
CA ALA A 37 14.24 -11.09 5.36
C ALA A 37 12.76 -10.77 5.14
N ASN A 38 12.47 -9.49 4.90
CA ASN A 38 11.08 -9.04 4.80
C ASN A 38 10.53 -9.18 3.38
N ARG A 39 10.56 -10.41 2.87
CA ARG A 39 10.19 -10.70 1.48
C ARG A 39 9.59 -12.09 1.37
N PRO A 40 8.77 -12.34 0.34
CA PRO A 40 8.26 -13.70 0.13
C PRO A 40 9.39 -14.67 -0.18
N ASN A 41 10.45 -14.16 -0.80
CA ASN A 41 11.55 -15.02 -1.25
C ASN A 41 12.91 -14.54 -0.74
N PRO A 42 13.15 -14.68 0.58
CA PRO A 42 14.34 -14.09 1.21
C PRO A 42 15.67 -14.56 0.58
N GLY A 43 16.72 -13.77 0.78
CA GLY A 43 18.05 -14.07 0.28
C GLY A 43 18.43 -13.35 -1.01
N LEU A 44 19.68 -13.50 -1.41
CA LEU A 44 20.19 -12.92 -2.66
C LEU A 44 19.56 -13.59 -3.90
N ARG A 45 19.02 -12.77 -4.79
CA ARG A 45 18.50 -13.23 -6.08
C ARG A 45 19.47 -12.79 -7.19
N PRO A 46 19.29 -13.28 -8.44
CA PRO A 46 20.25 -12.86 -9.49
C PRO A 46 20.40 -11.34 -9.68
N GLN A 47 19.29 -10.60 -9.63
CA GLN A 47 19.33 -9.14 -9.77
C GLN A 47 20.28 -8.48 -8.78
N HIS A 48 20.28 -8.97 -7.54
CA HIS A 48 21.15 -8.38 -6.52
C HIS A 48 22.61 -8.69 -6.82
N LEU A 49 22.86 -9.88 -7.36
CA LEU A 49 24.24 -10.26 -7.70
C LEU A 49 24.87 -9.36 -8.78
N HIS A 50 24.10 -8.98 -9.78
CA HIS A 50 24.59 -8.07 -10.81
C HIS A 50 25.06 -6.73 -10.24
N ALA A 51 24.27 -6.18 -9.32
CA ALA A 51 24.64 -4.94 -8.64
C ALA A 51 25.91 -5.15 -7.83
N ILE A 52 25.95 -6.23 -7.07
CA ILE A 52 27.11 -6.53 -6.24
C ILE A 52 28.35 -6.70 -7.10
N LEU A 53 28.23 -7.45 -8.20
CA LEU A 53 29.38 -7.70 -9.08
C LEU A 53 29.89 -6.44 -9.76
N ALA A 54 28.97 -5.55 -10.12
CA ALA A 54 29.39 -4.28 -10.72
C ALA A 54 30.26 -3.48 -9.75
N LEU A 55 29.83 -3.41 -8.50
CA LEU A 55 30.56 -2.63 -7.49
C LEU A 55 31.87 -3.31 -7.13
N LYS A 56 31.86 -4.64 -7.15
CA LYS A 56 33.07 -5.43 -6.95
C LYS A 56 34.12 -5.08 -8.00
N HIS A 57 33.66 -4.95 -9.25
CA HIS A 57 34.54 -4.55 -10.35
C HIS A 57 35.14 -3.16 -10.12
N LEU A 58 34.28 -2.19 -9.82
CA LEU A 58 34.71 -0.82 -9.49
C LEU A 58 35.72 -0.75 -8.34
N ALA A 59 35.60 -1.66 -7.38
CA ALA A 59 36.44 -1.60 -6.18
C ALA A 59 37.48 -2.73 -6.08
N ASN A 60 37.59 -3.54 -7.13
CA ASN A 60 38.53 -4.68 -7.12
C ASN A 60 38.35 -5.49 -5.83
N ALA A 61 37.10 -5.71 -5.46
CA ALA A 61 36.79 -6.26 -4.16
C ALA A 61 36.90 -7.79 -4.09
N GLU A 62 37.21 -8.28 -2.91
CA GLU A 62 36.98 -9.68 -2.63
C GLU A 62 35.58 -9.82 -2.05
N VAL A 63 34.84 -10.83 -2.50
CA VAL A 63 33.48 -11.03 -2.05
C VAL A 63 33.23 -12.47 -1.62
N LYS A 64 32.51 -12.65 -0.51
CA LYS A 64 32.15 -13.97 -0.04
C LYS A 64 30.66 -14.07 0.24
N GLY A 65 30.05 -15.17 -0.14
CA GLY A 65 28.63 -15.39 0.11
C GLY A 65 27.75 -14.83 -1.00
N ALA A 66 28.37 -14.37 -2.08
CA ALA A 66 27.61 -13.82 -3.20
C ALA A 66 27.03 -14.91 -4.09
N HIS A 67 26.05 -15.65 -3.57
CA HIS A 67 25.43 -16.75 -4.29
C HIS A 67 23.92 -16.61 -4.22
N VAL A 68 23.24 -17.04 -5.28
CA VAL A 68 21.79 -17.08 -5.27
C VAL A 68 21.29 -17.85 -4.05
N GLY A 69 20.41 -17.23 -3.27
CA GLY A 69 19.82 -17.88 -2.11
C GLY A 69 20.55 -17.63 -0.81
N SER A 70 21.75 -17.04 -0.93
CA SER A 70 22.55 -16.74 0.23
C SER A 70 21.85 -15.69 1.13
N ARG A 71 21.98 -15.85 2.45
CA ARG A 71 21.42 -14.90 3.40
C ARG A 71 22.49 -13.97 3.96
N GLU A 72 23.74 -14.19 3.58
CA GLU A 72 24.86 -13.49 4.19
C GLU A 72 25.94 -13.19 3.18
N LEU A 73 26.47 -11.96 3.23
CA LEU A 73 27.46 -11.49 2.28
C LEU A 73 28.61 -10.74 2.94
N VAL A 74 29.84 -11.03 2.54
CA VAL A 74 31.00 -10.21 2.95
C VAL A 74 31.65 -9.54 1.74
N PHE A 75 31.93 -8.26 1.85
CA PHE A 75 32.41 -7.46 0.73
C PHE A 75 33.60 -6.65 1.20
N ILE A 76 34.78 -6.92 0.62
CA ILE A 76 36.02 -6.28 1.07
C ILE A 76 36.62 -5.50 -0.07
N PRO A 77 36.42 -4.17 -0.08
CA PRO A 77 36.89 -3.39 -1.22
C PRO A 77 38.40 -3.15 -1.16
N LYS A 78 38.97 -2.84 -2.32
CA LYS A 78 40.32 -2.30 -2.41
C LYS A 78 40.13 -0.91 -2.99
N LYS A 79 41.15 -0.36 -3.61
CA LYS A 79 41.05 1.00 -4.11
C LYS A 79 39.96 1.12 -5.20
N LEU A 80 39.31 2.27 -5.23
CA LEU A 80 38.25 2.53 -6.19
C LEU A 80 38.92 3.03 -7.47
N GLU A 81 38.66 2.38 -8.60
CA GLU A 81 39.25 2.82 -9.87
C GLU A 81 38.27 2.88 -11.05
N ALA A 82 38.30 4.01 -11.74
CA ALA A 82 37.42 4.25 -12.87
C ALA A 82 37.56 3.15 -13.91
N LYS A 83 36.50 2.37 -14.07
CA LYS A 83 36.43 1.32 -15.07
C LYS A 83 35.15 1.50 -15.88
N GLU A 84 35.14 1.01 -17.11
CA GLU A 84 33.90 1.01 -17.88
C GLU A 84 33.00 -0.10 -17.35
N ILE A 85 31.78 0.27 -16.98
CA ILE A 85 30.87 -0.71 -16.40
C ILE A 85 29.85 -1.18 -17.43
N SER A 86 29.70 -2.48 -17.54
CA SER A 86 28.63 -3.07 -18.34
C SER A 86 27.88 -4.02 -17.44
N ILE A 87 26.57 -3.90 -17.42
CA ILE A 87 25.74 -4.73 -16.58
C ILE A 87 24.51 -5.16 -17.35
N ASP A 88 24.32 -6.46 -17.44
CA ASP A 88 23.11 -7.00 -18.03
C ASP A 88 22.24 -7.63 -16.95
N ILE A 89 21.32 -6.84 -16.42
CA ILE A 89 20.39 -7.36 -15.42
C ILE A 89 19.38 -8.26 -16.13
N GLY A 90 18.99 -9.35 -15.47
CA GLY A 90 18.10 -10.29 -16.10
C GLY A 90 16.69 -9.75 -16.30
N THR A 91 16.14 -10.00 -17.48
CA THR A 91 14.77 -9.65 -17.84
C THR A 91 14.47 -8.18 -17.58
N ALA A 92 13.51 -7.92 -16.70
CA ALA A 92 13.07 -6.56 -16.49
C ALA A 92 13.50 -6.08 -15.12
N GLY A 93 14.58 -6.67 -14.61
CA GLY A 93 15.19 -6.21 -13.37
C GLY A 93 15.51 -4.74 -13.53
N SER A 94 15.24 -3.98 -12.48
CA SER A 94 15.29 -2.52 -12.57
C SER A 94 16.69 -1.95 -12.75
N ILE A 95 16.89 -1.30 -13.89
CA ILE A 95 18.08 -0.52 -14.13
C ILE A 95 18.23 0.60 -13.11
N THR A 96 17.13 1.26 -12.77
CA THR A 96 17.24 2.43 -11.92
C THR A 96 17.67 2.11 -10.49
N LEU A 97 17.26 0.95 -9.97
CA LEU A 97 17.71 0.54 -8.65
C LEU A 97 19.22 0.24 -8.63
N VAL A 98 19.71 -0.42 -9.67
CA VAL A 98 21.16 -0.63 -9.82
C VAL A 98 21.87 0.71 -9.91
N LEU A 99 21.34 1.59 -10.75
CA LEU A 99 21.95 2.88 -10.98
C LEU A 99 21.94 3.77 -9.73
N GLN A 100 20.87 3.71 -8.93
CA GLN A 100 20.80 4.49 -7.70
C GLN A 100 21.96 4.16 -6.77
N ALA A 101 22.37 2.90 -6.81
CA ALA A 101 23.45 2.40 -5.96
C ALA A 101 24.81 2.77 -6.56
N LEU A 102 24.95 2.51 -7.86
CA LEU A 102 26.18 2.78 -8.60
C LEU A 102 26.60 4.25 -8.58
N LEU A 103 25.64 5.16 -8.75
CA LEU A 103 25.93 6.59 -8.88
C LEU A 103 26.83 7.19 -7.77
N PRO A 104 26.46 7.00 -6.48
CA PRO A 104 27.31 7.60 -5.44
C PRO A 104 28.71 6.99 -5.42
N ALA A 105 28.82 5.69 -5.71
CA ALA A 105 30.14 5.06 -5.80
C ALA A 105 30.95 5.65 -6.97
N MET A 106 30.38 5.65 -8.16
CA MET A 106 31.08 6.09 -9.36
C MET A 106 31.66 7.50 -9.28
N VAL A 107 30.98 8.42 -8.57
CA VAL A 107 31.46 9.80 -8.53
C VAL A 107 32.68 9.98 -7.62
N PHE A 108 33.04 8.93 -6.90
CA PHE A 108 34.22 8.93 -6.04
C PHE A 108 35.46 8.33 -6.69
N ALA A 109 35.29 7.82 -7.91
CA ALA A 109 36.44 7.43 -8.72
C ALA A 109 37.16 8.69 -9.14
N ARG A 110 38.42 8.56 -9.54
CA ARG A 110 39.23 9.74 -9.81
C ARG A 110 39.07 10.22 -11.25
N GLU A 111 38.53 9.35 -12.10
CA GLU A 111 38.30 9.68 -13.50
C GLU A 111 36.86 9.38 -13.89
N LYS A 112 36.46 9.92 -15.05
CA LYS A 112 35.14 9.70 -15.62
C LYS A 112 34.79 8.20 -15.66
N VAL A 113 33.56 7.86 -15.29
CA VAL A 113 33.12 6.48 -15.32
C VAL A 113 31.94 6.32 -16.27
N LYS A 114 32.09 5.47 -17.27
CA LYS A 114 31.04 5.28 -18.27
C LYS A 114 30.33 3.97 -17.98
N PHE A 115 29.04 3.90 -18.32
CA PHE A 115 28.27 2.71 -18.00
C PHE A 115 27.23 2.36 -19.06
N ARG A 116 26.93 1.08 -19.17
CA ARG A 116 25.89 0.58 -20.03
C ARG A 116 25.17 -0.50 -19.23
N ILE A 117 23.85 -0.35 -19.10
CA ILE A 117 23.09 -1.25 -18.27
C ILE A 117 21.86 -1.64 -19.05
N THR A 118 21.61 -2.95 -19.11
CA THR A 118 20.43 -3.47 -19.79
C THR A 118 19.53 -4.12 -18.75
N GLY A 119 18.24 -4.22 -19.07
CA GLY A 119 17.26 -4.66 -18.10
C GLY A 119 15.94 -3.91 -18.28
N GLY A 120 15.26 -3.63 -17.18
CA GLY A 120 14.04 -2.83 -17.22
C GLY A 120 14.30 -1.35 -16.99
N THR A 121 13.85 -0.51 -17.92
CA THR A 121 13.94 0.94 -17.74
C THR A 121 12.70 1.49 -17.02
N ASP A 122 11.58 0.83 -17.22
CA ASP A 122 10.31 1.31 -16.70
C ASP A 122 9.51 0.17 -16.11
N VAL A 123 9.77 -0.10 -14.84
CA VAL A 123 9.11 -1.20 -14.16
C VAL A 123 8.51 -0.70 -12.86
N SER A 124 7.56 -1.45 -12.31
CA SER A 124 6.93 -0.99 -11.08
C SER A 124 8.00 -1.04 -9.99
N TRP A 125 7.62 -0.68 -8.78
CA TRP A 125 8.56 -0.90 -7.67
CA TRP A 125 8.48 -0.67 -7.59
C TRP A 125 9.89 -0.10 -7.76
N SER A 126 10.02 0.87 -8.69
CA SER A 126 11.25 1.67 -8.82
C SER A 126 11.01 2.93 -9.66
N PRO A 127 11.90 3.93 -9.57
CA PRO A 127 11.64 5.12 -10.40
C PRO A 127 11.85 4.80 -11.88
N PRO A 128 11.09 5.45 -12.76
CA PRO A 128 11.36 5.24 -14.19
C PRO A 128 12.70 5.91 -14.52
N VAL A 129 13.41 5.40 -15.52
CA VAL A 129 14.69 5.99 -15.88
C VAL A 129 14.57 7.50 -16.20
N ASP A 130 13.48 7.92 -16.83
CA ASP A 130 13.32 9.34 -17.19
C ASP A 130 13.33 10.20 -15.92
N TYR A 131 12.90 9.64 -14.79
CA TYR A 131 12.99 10.38 -13.52
C TYR A 131 14.46 10.64 -13.13
N LEU A 132 15.31 9.62 -13.27
CA LEU A 132 16.73 9.80 -12.98
C LEU A 132 17.35 10.86 -13.89
N SER A 133 17.06 10.80 -15.19
CA SER A 133 17.69 11.72 -16.13
C SER A 133 17.28 13.17 -15.87
N ASN A 134 16.01 13.38 -15.57
CA ASN A 134 15.44 14.73 -15.55
C ASN A 134 15.24 15.34 -14.15
N VAL A 135 15.15 14.50 -13.14
CA VAL A 135 14.93 15.00 -11.79
C VAL A 135 16.15 14.79 -10.90
N THR A 136 16.63 13.56 -10.83
CA THR A 136 17.77 13.22 -9.98
C THR A 136 19.04 13.97 -10.40
N LEU A 137 19.39 13.90 -11.68
CA LEU A 137 20.62 14.55 -12.16
C LEU A 137 20.53 16.06 -11.94
N PHE A 138 19.34 16.61 -12.14
CA PHE A 138 19.11 18.04 -11.93
C PHE A 138 19.48 18.41 -10.49
N ALA A 139 19.03 17.60 -9.54
CA ALA A 139 19.38 17.84 -8.14
C ALA A 139 20.86 17.63 -7.85
N LEU A 140 21.45 16.55 -8.38
CA LEU A 140 22.87 16.28 -8.10
C LEU A 140 23.78 17.39 -8.63
N GLU A 141 23.37 18.05 -9.71
CA GLU A 141 24.17 19.14 -10.27
C GLU A 141 24.36 20.25 -9.23
N LYS A 142 23.35 20.45 -8.39
CA LYS A 142 23.38 21.51 -7.37
C LYS A 142 24.50 21.32 -6.34
N ILE A 143 24.93 20.06 -6.17
CA ILE A 143 26.00 19.79 -5.21
C ILE A 143 27.34 19.50 -5.88
N GLY A 144 27.39 19.64 -7.20
CA GLY A 144 28.64 19.56 -7.93
C GLY A 144 28.84 18.35 -8.81
N ILE A 145 27.81 17.53 -8.95
CA ILE A 145 27.93 16.27 -9.70
C ILE A 145 27.44 16.44 -11.12
N HIS A 146 28.19 15.92 -12.08
CA HIS A 146 27.83 16.05 -13.49
C HIS A 146 27.83 14.69 -14.17
N GLY A 147 26.82 14.46 -14.99
CA GLY A 147 26.68 13.17 -15.64
C GLY A 147 25.58 13.19 -16.67
N GLU A 148 25.37 12.04 -17.31
CA GLU A 148 24.30 11.85 -18.27
C GLU A 148 23.72 10.46 -18.07
N ILE A 149 22.42 10.34 -18.27
CA ILE A 149 21.73 9.05 -18.22
C ILE A 149 20.78 9.01 -19.40
N ARG A 150 21.07 8.16 -20.36
CA ARG A 150 20.33 8.19 -21.62
C ARG A 150 19.68 6.84 -21.91
N VAL A 151 18.41 6.89 -22.32
CA VAL A 151 17.69 5.70 -22.72
C VAL A 151 17.98 5.45 -24.19
N ILE A 152 18.64 4.33 -24.47
CA ILE A 152 18.89 3.92 -25.85
C ILE A 152 17.69 3.12 -26.33
N ARG A 153 17.17 2.25 -25.47
CA ARG A 153 15.97 1.46 -25.76
C ARG A 153 15.18 1.19 -24.48
N ARG A 154 13.86 1.20 -24.58
CA ARG A 154 12.99 0.94 -23.43
C ARG A 154 12.94 -0.54 -23.11
N GLY A 155 12.77 -0.86 -21.83
CA GLY A 155 12.53 -2.23 -21.42
C GLY A 155 11.45 -2.25 -20.36
N HIS A 156 10.42 -3.07 -20.57
CA HIS A 156 9.33 -3.15 -19.61
C HIS A 156 9.18 -4.58 -19.08
N TYR A 157 8.32 -4.73 -18.07
CA TYR A 157 8.05 -6.03 -17.50
C TYR A 157 7.00 -6.69 -18.36
N PRO A 158 7.16 -7.99 -18.68
CA PRO A 158 8.22 -8.90 -18.23
C PRO A 158 9.42 -9.05 -19.19
N LYS A 159 9.27 -8.64 -20.45
CA LYS A 159 10.27 -8.97 -21.48
C LYS A 159 11.62 -8.27 -21.32
N GLY A 160 11.62 -7.05 -20.79
CA GLY A 160 12.87 -6.31 -20.66
C GLY A 160 13.36 -5.81 -22.00
N GLY A 161 14.68 -5.85 -22.23
CA GLY A 161 15.21 -5.36 -23.50
C GLY A 161 15.70 -3.93 -23.44
N GLY A 162 15.63 -3.33 -22.27
CA GLY A 162 16.07 -1.96 -22.11
C GLY A 162 17.59 -1.79 -22.21
N ILE A 163 18.00 -0.63 -22.71
CA ILE A 163 19.41 -0.26 -22.77
C ILE A 163 19.58 1.16 -22.29
N VAL A 164 20.42 1.35 -21.28
CA VAL A 164 20.73 2.67 -20.76
C VAL A 164 22.23 2.88 -20.81
N GLU A 165 22.65 4.05 -21.29
CA GLU A 165 24.07 4.43 -21.34
C GLU A 165 24.28 5.81 -20.72
N GLY A 166 25.44 6.01 -20.12
CA GLY A 166 25.71 7.30 -19.49
C GLY A 166 27.10 7.38 -18.95
N TYR A 167 27.35 8.39 -18.14
CA TYR A 167 28.62 8.51 -17.42
C TYR A 167 28.42 9.47 -16.25
N VAL A 168 29.36 9.45 -15.32
CA VAL A 168 29.45 10.53 -14.36
C VAL A 168 30.89 11.03 -14.34
N GLU A 169 31.07 12.28 -13.93
CA GLU A 169 32.41 12.82 -13.73
C GLU A 169 32.80 12.68 -12.27
N PRO A 170 34.12 12.74 -11.99
CA PRO A 170 34.60 12.70 -10.60
C PRO A 170 34.05 13.88 -9.82
N TRP A 171 33.58 13.63 -8.61
CA TRP A 171 32.99 14.68 -7.78
C TRP A 171 34.09 15.48 -7.10
N ASN A 172 34.72 16.38 -7.84
CA ASN A 172 35.87 17.09 -7.32
C ASN A 172 35.51 18.31 -6.48
N GLU A 173 34.49 19.05 -6.90
CA GLU A 173 34.02 20.22 -6.15
C GLU A 173 32.64 19.96 -5.56
N LYS A 174 32.60 19.76 -4.26
CA LYS A 174 31.36 19.46 -3.56
C LYS A 174 30.85 20.73 -2.92
N ARG A 175 29.56 20.99 -3.06
CA ARG A 175 28.98 22.12 -2.33
C ARG A 175 27.67 21.69 -1.68
N GLU A 176 27.25 22.43 -0.67
CA GLU A 176 26.11 21.99 0.12
C GLU A 176 24.79 22.31 -0.57
N LEU A 177 23.78 21.52 -0.24
CA LEU A 177 22.43 21.73 -0.76
C LEU A 177 21.56 22.20 0.37
N VAL A 178 20.96 23.38 0.22
CA VAL A 178 20.00 23.89 1.19
C VAL A 178 18.67 24.01 0.50
N ALA A 179 17.75 23.10 0.82
CA ALA A 179 16.53 23.01 0.03
C ALA A 179 15.38 22.74 0.96
N LYS A 180 14.79 23.81 1.47
CA LYS A 180 13.73 23.69 2.46
C LYS A 180 12.36 23.81 1.80
N GLU A 181 11.81 25.02 1.73
CA GLU A 181 10.54 25.19 1.02
C GLU A 181 10.78 25.77 -0.38
N TYR A 182 9.92 25.45 -1.33
CA TYR A 182 9.96 26.15 -2.63
C TYR A 182 9.07 27.40 -2.57
N SER A 183 9.41 28.39 -3.40
CA SER A 183 8.63 29.62 -3.48
C SER A 183 7.51 29.53 -4.51
N ARG A 184 7.83 28.98 -5.68
CA ARG A 184 6.87 28.91 -6.77
C ARG A 184 7.22 27.78 -7.73
N ILE A 185 6.20 27.29 -8.43
CA ILE A 185 6.40 26.42 -9.57
C ILE A 185 6.58 27.28 -10.82
N ILE A 186 7.67 27.07 -11.55
CA ILE A 186 7.94 27.85 -12.76
C ILE A 186 7.26 27.25 -13.99
N LYS A 187 7.39 25.94 -14.14
CA LYS A 187 6.74 25.24 -15.25
C LYS A 187 6.68 23.75 -14.94
N ILE A 188 5.83 23.04 -15.69
CA ILE A 188 5.77 21.59 -15.66
C ILE A 188 6.28 21.08 -17.00
N GLU A 189 7.11 20.05 -16.96
CA GLU A 189 7.50 19.32 -18.16
C GLU A 189 7.34 17.84 -17.89
N GLY A 190 7.33 17.04 -18.96
CA GLY A 190 7.18 15.60 -18.77
C GLY A 190 7.53 14.83 -20.02
N ILE A 191 7.64 13.52 -19.87
CA ILE A 191 7.83 12.62 -21.02
C ILE A 191 6.83 11.48 -20.91
N SER A 192 5.97 11.36 -21.91
CA SER A 192 5.04 10.25 -21.99
C SER A 192 5.45 9.30 -23.12
N HIS A 193 5.78 8.05 -22.78
CA HIS A 193 6.27 7.12 -23.81
C HIS A 193 5.34 5.95 -24.01
N ALA A 194 5.34 5.43 -25.24
CA ALA A 194 4.70 4.17 -25.55
C ALA A 194 5.65 3.36 -26.44
N THR A 195 5.76 2.07 -26.16
CA THR A 195 6.70 1.21 -26.87
C THR A 195 5.98 -0.01 -27.42
N ASN A 196 6.15 -0.31 -28.71
CA ASN A 196 5.40 -1.40 -29.36
C ASN A 196 3.90 -1.32 -29.07
N LEU A 197 3.38 -0.10 -29.04
CA LEU A 197 1.97 0.16 -28.78
C LEU A 197 1.55 1.34 -29.65
N PRO A 198 0.24 1.50 -29.90
CA PRO A 198 -0.26 2.63 -30.71
C PRO A 198 0.16 3.99 -30.14
N SER A 199 0.40 4.97 -30.99
CA SER A 199 0.85 6.28 -30.52
C SER A 199 -0.18 6.99 -29.65
N HIS A 200 -1.46 6.65 -29.80
CA HIS A 200 -2.50 7.28 -28.99
C HIS A 200 -2.33 6.98 -27.50
N VAL A 201 -1.63 5.88 -27.17
CA VAL A 201 -1.30 5.59 -25.77
C VAL A 201 -0.46 6.71 -25.16
N ALA A 202 0.61 7.13 -25.84
CA ALA A 202 1.43 8.22 -25.30
C ALA A 202 0.68 9.55 -25.25
N GLU A 203 -0.11 9.82 -26.30
CA GLU A 203 -0.91 11.04 -26.39
C GLU A 203 -1.95 11.15 -25.26
N ARG A 204 -2.75 10.10 -25.09
CA ARG A 204 -3.79 10.09 -24.08
C ARG A 204 -3.23 10.16 -22.65
N GLN A 205 -2.09 9.50 -22.41
CA GLN A 205 -1.40 9.67 -21.12
C GLN A 205 -1.06 11.14 -20.90
N ALA A 206 -0.43 11.76 -21.89
CA ALA A 206 0.04 13.14 -21.79
C ALA A 206 -1.12 14.11 -21.60
N ARG A 207 -2.19 13.89 -22.35
CA ARG A 207 -3.34 14.79 -22.29
C ARG A 207 -4.02 14.73 -20.93
N ALA A 208 -4.23 13.52 -20.42
CA ALA A 208 -4.84 13.34 -19.11
C ALA A 208 -3.99 13.95 -17.97
N ALA A 209 -2.69 13.73 -18.01
CA ALA A 209 -1.81 14.37 -17.04
C ALA A 209 -1.91 15.90 -17.14
N LYS A 210 -1.91 16.44 -18.35
CA LYS A 210 -1.95 17.89 -18.50
C LYS A 210 -3.24 18.45 -17.91
N ASP A 211 -4.36 17.82 -18.24
CA ASP A 211 -5.67 18.26 -17.73
C ASP A 211 -5.70 18.36 -16.21
N GLU A 212 -5.00 17.42 -15.57
CA GLU A 212 -5.06 17.26 -14.12
C GLU A 212 -4.15 18.27 -13.46
N LEU A 213 -3.23 18.85 -14.24
CA LEU A 213 -2.27 19.80 -13.70
C LEU A 213 -2.56 21.26 -14.08
N LEU A 214 -3.57 21.47 -14.92
CA LEU A 214 -3.96 22.84 -15.30
C LEU A 214 -4.23 23.69 -14.06
N GLN A 215 -4.79 23.09 -13.02
CA GLN A 215 -5.07 23.79 -11.75
C GLN A 215 -3.88 24.54 -11.15
N LEU A 216 -2.65 24.14 -11.47
CA LEU A 216 -1.47 24.80 -10.92
C LEU A 216 -1.17 26.16 -11.58
N LYS A 217 -1.75 26.39 -12.76
CA LYS A 217 -1.61 27.67 -13.48
C LYS A 217 -0.19 28.02 -13.90
N VAL A 218 0.49 27.04 -14.50
CA VAL A 218 1.85 27.25 -14.99
C VAL A 218 1.92 26.59 -16.38
N PRO A 219 2.92 26.96 -17.19
CA PRO A 219 2.99 26.30 -18.50
C PRO A 219 3.27 24.80 -18.30
N ILE A 220 2.69 23.96 -19.15
CA ILE A 220 2.88 22.51 -19.10
C ILE A 220 3.29 22.05 -20.49
N GLU A 221 4.41 21.35 -20.59
CA GLU A 221 4.85 20.78 -21.86
C GLU A 221 5.24 19.32 -21.66
N ILE A 222 4.39 18.41 -22.09
CA ILE A 222 4.70 16.98 -22.01
C ILE A 222 5.02 16.40 -23.39
N ARG A 223 6.28 16.05 -23.59
CA ARG A 223 6.79 15.45 -24.82
C ARG A 223 6.27 14.02 -24.93
N THR A 224 5.97 13.56 -26.16
CA THR A 224 5.62 12.16 -26.38
C THR A 224 6.73 11.43 -27.13
N GLU A 225 6.89 10.13 -26.81
CA GLU A 225 7.92 9.31 -27.42
C GLU A 225 7.30 7.98 -27.81
N ILE A 226 7.40 7.64 -29.09
CA ILE A 226 6.92 6.35 -29.55
C ILE A 226 8.13 5.57 -30.01
N SER A 227 8.33 4.41 -29.43
CA SER A 227 9.58 3.70 -29.63
C SER A 227 9.39 2.21 -29.87
N ARG A 228 10.49 1.54 -30.20
CA ARG A 228 10.49 0.13 -30.55
C ARG A 228 11.35 -0.65 -29.53
N SER A 229 10.87 -1.82 -29.13
CA SER A 229 11.71 -2.71 -28.33
C SER A 229 11.22 -4.13 -28.52
N ILE A 230 11.51 -5.01 -27.56
CA ILE A 230 11.17 -6.43 -27.72
C ILE A 230 9.85 -6.81 -27.08
N GLY A 231 9.14 -5.81 -26.55
CA GLY A 231 7.84 -6.04 -25.93
C GLY A 231 7.11 -4.72 -25.80
N PRO A 232 5.81 -4.79 -25.44
CA PRO A 232 4.99 -3.58 -25.27
C PRO A 232 5.16 -3.00 -23.88
N GLY A 233 4.99 -1.70 -23.77
CA GLY A 233 5.06 -1.02 -22.48
C GLY A 233 4.83 0.48 -22.67
N SER A 234 4.42 1.14 -21.60
CA SER A 234 4.24 2.59 -21.65
C SER A 234 4.42 3.17 -20.26
N GLY A 235 4.57 4.50 -20.18
CA GLY A 235 4.70 5.17 -18.91
C GLY A 235 4.81 6.66 -19.12
N ILE A 236 4.68 7.42 -18.03
CA ILE A 236 4.77 8.86 -18.10
C ILE A 236 5.38 9.40 -16.80
N VAL A 237 6.26 10.38 -16.93
CA VAL A 237 6.77 11.10 -15.76
C VAL A 237 6.53 12.57 -16.03
N VAL A 238 6.08 13.29 -15.01
CA VAL A 238 5.95 14.75 -15.10
C VAL A 238 6.73 15.34 -13.94
N TRP A 239 7.32 16.51 -14.15
CA TRP A 239 8.03 17.16 -13.06
C TRP A 239 7.71 18.65 -13.02
N ALA A 240 7.63 19.19 -11.80
CA ALA A 240 7.50 20.63 -11.59
C ALA A 240 8.86 21.25 -11.38
N GLU A 241 9.21 22.20 -12.24
CA GLU A 241 10.42 22.97 -12.02
C GLU A 241 10.08 24.12 -11.09
N THR A 242 10.76 24.18 -9.94
CA THR A 242 10.53 25.26 -8.99
C THR A 242 11.74 26.17 -8.99
N ASP A 243 11.75 27.15 -8.09
CA ASP A 243 12.88 28.05 -7.95
C ASP A 243 14.04 27.30 -7.31
N CYS A 244 13.74 26.15 -6.73
CA CYS A 244 14.80 25.33 -6.13
CA CYS A 244 14.79 25.34 -6.12
C CYS A 244 15.03 24.07 -6.95
N LEU A 245 14.36 22.97 -6.60
CA LEU A 245 14.55 21.69 -7.28
C LEU A 245 13.36 21.28 -8.14
N ARG A 246 13.54 20.21 -8.92
CA ARG A 246 12.40 19.59 -9.56
C ARG A 246 11.79 18.51 -8.67
N LEU A 247 10.46 18.45 -8.64
CA LEU A 247 9.73 17.38 -7.97
C LEU A 247 9.04 16.61 -9.07
N GLY A 248 8.95 15.29 -8.90
CA GLY A 248 8.39 14.46 -9.95
C GLY A 248 7.25 13.54 -9.54
N GLY A 249 6.46 13.14 -10.52
CA GLY A 249 5.41 12.16 -10.34
C GLY A 249 5.39 11.27 -11.56
N ASP A 250 5.06 9.99 -11.37
CA ASP A 250 5.07 9.06 -12.50
C ASP A 250 4.00 7.97 -12.40
N ALA A 251 3.68 7.37 -13.54
CA ALA A 251 2.85 6.18 -13.57
C ALA A 251 3.22 5.27 -14.75
N LEU A 252 2.98 3.98 -14.57
CA LEU A 252 3.31 2.95 -15.58
C LEU A 252 2.05 2.45 -16.28
N GLY A 253 2.17 2.21 -17.58
CA GLY A 253 1.08 1.59 -18.31
C GLY A 253 0.88 0.15 -17.85
N LYS A 254 -0.33 -0.36 -17.99
CA LYS A 254 -0.65 -1.72 -17.58
C LYS A 254 -1.78 -2.27 -18.45
N LYS A 255 -1.63 -3.53 -18.87
CA LYS A 255 -2.67 -4.19 -19.66
C LYS A 255 -4.02 -4.06 -18.96
N GLY A 256 -4.99 -3.48 -19.64
CA GLY A 256 -6.33 -3.35 -19.09
C GLY A 256 -6.51 -2.12 -18.23
N LYS A 257 -5.50 -1.27 -18.19
CA LYS A 257 -5.62 0.02 -17.51
C LYS A 257 -5.62 1.12 -18.56
N PRO A 258 -6.71 1.88 -18.65
CA PRO A 258 -6.74 2.84 -19.76
C PRO A 258 -5.66 3.91 -19.62
N ALA A 259 -5.23 4.42 -20.77
CA ALA A 259 -4.15 5.38 -20.82
C ALA A 259 -4.49 6.66 -20.04
N GLU A 260 -5.77 7.03 -20.00
CA GLU A 260 -6.20 8.25 -19.29
C GLU A 260 -5.95 8.15 -17.79
N ILE A 261 -6.20 6.96 -17.24
CA ILE A 261 -5.98 6.74 -15.81
C ILE A 261 -4.48 6.84 -15.48
N VAL A 262 -3.65 6.21 -16.31
CA VAL A 262 -2.19 6.28 -16.13
C VAL A 262 -1.70 7.74 -16.07
N GLY A 263 -2.13 8.54 -17.04
CA GLY A 263 -1.76 9.95 -17.06
C GLY A 263 -2.24 10.71 -15.83
N LYS A 264 -3.50 10.46 -15.46
CA LYS A 264 -4.08 11.10 -14.28
C LYS A 264 -3.33 10.72 -13.02
N GLU A 265 -2.92 9.45 -12.91
CA GLU A 265 -2.20 8.99 -11.73
C GLU A 265 -0.83 9.65 -11.58
N ALA A 266 -0.10 9.79 -12.69
CA ALA A 266 1.18 10.48 -12.65
C ALA A 266 1.00 11.92 -12.17
N ALA A 267 0.01 12.61 -12.73
CA ALA A 267 -0.30 13.97 -12.32
C ALA A 267 -0.63 14.03 -10.82
N GLN A 268 -1.45 13.08 -10.37
CA GLN A 268 -1.84 13.06 -8.96
C GLN A 268 -0.64 12.82 -8.03
N GLU A 269 0.32 12.01 -8.49
CA GLU A 269 1.52 11.77 -7.70
C GLU A 269 2.35 13.05 -7.56
N LEU A 270 2.50 13.76 -8.67
CA LEU A 270 3.21 15.03 -8.65
C LEU A 270 2.53 15.99 -7.68
N LEU A 271 1.20 16.07 -7.78
CA LEU A 271 0.39 16.92 -6.92
C LEU A 271 0.59 16.55 -5.45
N ASP A 272 0.59 15.25 -5.17
CA ASP A 272 0.88 14.77 -3.82
C ASP A 272 2.28 15.23 -3.36
N GLN A 273 3.28 15.12 -4.24
CA GLN A 273 4.64 15.50 -3.86
C GLN A 273 4.75 17.01 -3.58
N LEU A 274 3.96 17.81 -4.29
CA LEU A 274 4.04 19.27 -4.19
C LEU A 274 3.33 19.81 -2.95
N LYS A 275 2.37 19.04 -2.44
CA LYS A 275 1.42 19.55 -1.43
C LYS A 275 2.05 20.24 -0.19
N PRO A 276 3.07 19.61 0.43
CA PRO A 276 3.66 20.21 1.64
C PRO A 276 4.43 21.50 1.40
N GLY A 277 4.84 21.77 0.16
CA GLY A 277 5.64 22.95 -0.09
C GLY A 277 7.12 22.75 0.20
N HIS A 278 7.53 21.50 0.38
CA HIS A 278 8.92 21.15 0.64
C HIS A 278 9.64 20.94 -0.69
N CYS A 279 10.95 21.20 -0.73
CA CYS A 279 11.72 21.19 -1.98
C CYS A 279 11.98 19.82 -2.59
N VAL A 280 12.10 18.81 -1.73
CA VAL A 280 12.57 17.48 -2.14
C VAL A 280 11.42 16.48 -2.10
N ASP A 281 11.17 15.81 -3.23
CA ASP A 281 10.10 14.81 -3.26
C ASP A 281 10.52 13.49 -2.58
N LYS A 282 9.62 12.53 -2.52
CA LYS A 282 9.89 11.36 -1.70
C LYS A 282 10.93 10.43 -2.29
N PHE A 283 11.10 10.49 -3.61
CA PHE A 283 12.09 9.63 -4.28
C PHE A 283 13.48 10.23 -4.11
N LEU A 284 13.60 11.51 -4.45
CA LEU A 284 14.85 12.22 -4.35
C LEU A 284 15.30 12.23 -2.90
N GLY A 285 14.32 12.23 -2.00
CA GLY A 285 14.60 12.15 -0.58
C GLY A 285 15.50 10.99 -0.17
N ASP A 286 15.25 9.79 -0.68
CA ASP A 286 16.19 8.70 -0.35
C ASP A 286 17.46 8.79 -1.17
N GLN A 287 17.32 9.14 -2.46
CA GLN A 287 18.45 9.13 -3.40
C GLN A 287 19.58 10.06 -2.98
N LEU A 288 19.21 11.18 -2.36
CA LEU A 288 20.19 12.17 -1.96
C LEU A 288 21.02 11.76 -0.76
N ILE A 289 20.47 10.86 0.06
CA ILE A 289 21.07 10.59 1.37
C ILE A 289 22.58 10.25 1.34
N PRO A 290 22.99 9.29 0.50
CA PRO A 290 24.43 8.97 0.49
C PRO A 290 25.31 10.14 0.06
N PHE A 291 24.80 11.01 -0.81
CA PHE A 291 25.56 12.18 -1.28
C PHE A 291 25.66 13.30 -0.22
N LEU A 292 24.54 13.55 0.44
CA LEU A 292 24.45 14.61 1.46
C LEU A 292 25.44 14.46 2.61
N ALA A 293 25.80 13.22 2.95
CA ALA A 293 26.80 12.99 3.97
C ALA A 293 28.10 13.69 3.62
N PHE A 294 28.37 13.82 2.32
CA PHE A 294 29.64 14.38 1.84
C PHE A 294 29.53 15.84 1.40
N SER A 295 28.33 16.26 0.96
CA SER A 295 28.12 17.62 0.49
C SER A 295 27.75 18.57 1.63
N GLY A 296 27.05 18.03 2.63
CA GLY A 296 26.46 18.81 3.70
C GLY A 296 25.17 19.50 3.26
N GLY A 297 24.46 20.11 4.20
CA GLY A 297 23.28 20.87 3.88
C GLY A 297 22.04 20.44 4.67
N VAL A 298 20.87 20.73 4.11
CA VAL A 298 19.61 20.38 4.74
C VAL A 298 18.55 20.26 3.65
N ILE A 299 17.73 19.22 3.73
CA ILE A 299 16.63 19.04 2.80
C ILE A 299 15.34 18.85 3.59
N TRP A 300 14.27 19.48 3.12
CA TRP A 300 12.94 19.18 3.61
C TRP A 300 12.25 18.34 2.55
N VAL A 301 11.67 17.22 2.98
CA VAL A 301 11.11 16.26 2.05
C VAL A 301 9.60 16.20 2.18
N SER A 302 8.93 15.99 1.06
CA SER A 302 7.48 15.95 1.05
C SER A 302 6.99 14.77 1.87
N GLU A 303 7.76 13.69 1.86
CA GLU A 303 7.40 12.48 2.58
C GLU A 303 8.65 11.66 2.88
N ILE A 304 8.84 11.30 4.13
CA ILE A 304 9.91 10.43 4.52
C ILE A 304 9.51 9.00 4.14
N THR A 305 10.35 8.30 3.37
CA THR A 305 10.05 6.92 2.99
C THR A 305 10.90 5.95 3.81
N ASN A 306 10.53 4.68 3.79
CA ASN A 306 11.39 3.64 4.34
C ASN A 306 12.79 3.68 3.75
N HIS A 307 12.88 3.91 2.43
CA HIS A 307 14.19 3.97 1.77
C HIS A 307 15.08 5.07 2.31
N LEU A 308 14.48 6.22 2.61
CA LEU A 308 15.24 7.30 3.22
C LEU A 308 15.77 6.85 4.58
N LYS A 309 14.90 6.29 5.41
CA LYS A 309 15.33 5.82 6.73
C LYS A 309 16.40 4.73 6.62
N THR A 310 16.19 3.81 5.68
CA THR A 310 17.18 2.77 5.42
C THR A 310 18.52 3.35 5.01
N ASN A 311 18.50 4.29 4.07
CA ASN A 311 19.76 4.89 3.63
C ASN A 311 20.50 5.61 4.76
N ILE A 312 19.76 6.32 5.61
CA ILE A 312 20.39 6.99 6.73
C ILE A 312 21.03 5.96 7.67
N TRP A 313 20.29 4.89 7.93
CA TRP A 313 20.76 3.80 8.81
C TRP A 313 22.10 3.26 8.31
N VAL A 314 22.18 2.98 7.02
CA VAL A 314 23.41 2.44 6.43
C VAL A 314 24.54 3.47 6.50
N VAL A 315 24.28 4.68 6.02
CA VAL A 315 25.35 5.69 5.95
C VAL A 315 25.92 5.95 7.36
N GLU A 316 25.04 6.08 8.35
CA GLU A 316 25.51 6.30 9.72
C GLU A 316 26.20 5.06 10.32
N SER A 317 25.84 3.88 9.84
CA SER A 317 26.54 2.67 10.28
C SER A 317 28.00 2.75 9.81
N PHE A 318 28.22 3.39 8.67
CA PHE A 318 29.58 3.53 8.15
C PHE A 318 30.29 4.75 8.72
N LEU A 319 29.56 5.85 8.87
CA LEU A 319 30.23 7.13 9.07
C LEU A 319 30.01 7.78 10.43
N GLY A 320 29.26 7.14 11.32
CA GLY A 320 28.93 7.76 12.58
C GLY A 320 27.66 8.59 12.45
N ARG A 321 27.25 9.29 13.50
CA ARG A 321 26.02 10.08 13.38
C ARG A 321 26.27 11.28 12.46
N ILE A 322 25.38 11.45 11.50
CA ILE A 322 25.54 12.43 10.44
C ILE A 322 24.29 13.30 10.32
N PHE A 323 23.14 12.67 10.52
CA PHE A 323 21.86 13.28 10.19
C PHE A 323 20.98 13.51 11.42
N ASP A 324 20.29 14.66 11.41
CA ASP A 324 19.20 14.87 12.35
C ASP A 324 17.91 14.82 11.57
N VAL A 325 16.96 14.02 12.05
CA VAL A 325 15.73 13.82 11.31
C VAL A 325 14.52 14.26 12.11
N ASP A 326 13.73 15.16 11.54
CA ASP A 326 12.50 15.59 12.19
C ASP A 326 11.32 15.12 11.33
N GLY A 327 10.53 14.19 11.87
CA GLY A 327 9.41 13.63 11.12
C GLY A 327 9.45 12.11 11.11
N ASN A 328 8.27 11.49 10.97
CA ASN A 328 8.12 10.03 10.94
C ASN A 328 7.94 9.51 9.52
N VAL A 329 8.25 8.23 9.31
CA VAL A 329 8.01 7.63 8.00
C VAL A 329 6.57 7.88 7.58
N GLY A 330 6.38 8.35 6.35
CA GLY A 330 5.06 8.62 5.83
C GLY A 330 4.58 10.07 6.00
N GLU A 331 5.33 10.85 6.76
CA GLU A 331 5.03 12.27 6.98
C GLU A 331 6.07 13.16 6.27
N PRO A 332 5.73 14.45 6.04
CA PRO A 332 6.75 15.40 5.58
C PRO A 332 7.85 15.46 6.62
N GLY A 333 9.08 15.71 6.20
CA GLY A 333 10.18 15.69 7.15
C GLY A 333 11.29 16.69 6.89
N LYS A 334 12.15 16.85 7.88
CA LYS A 334 13.28 17.73 7.75
C LYS A 334 14.54 16.95 8.07
N ILE A 335 15.48 16.97 7.14
CA ILE A 335 16.73 16.23 7.31
C ILE A 335 17.95 17.17 7.29
N ARG A 336 18.63 17.33 8.42
CA ARG A 336 19.80 18.20 8.48
C ARG A 336 21.09 17.40 8.57
N VAL A 337 22.07 17.75 7.76
CA VAL A 337 23.42 17.20 7.94
C VAL A 337 24.15 17.97 9.06
N ILE A 338 24.32 17.30 10.19
CA ILE A 338 24.90 17.90 11.38
C ILE A 338 26.41 18.00 11.21
N ARG A 339 26.98 16.96 10.62
CA ARG A 339 28.42 16.89 10.44
C ARG A 339 28.70 16.32 9.05
N ARG A 340 29.41 17.10 8.24
CA ARG A 340 29.77 16.68 6.89
C ARG A 340 31.05 15.86 6.98
N VAL A 341 31.16 14.83 6.14
CA VAL A 341 32.40 14.06 6.08
C VAL A 341 33.10 14.22 4.74
N MET B 1 -31.67 3.56 29.68
CA MET B 1 -30.61 3.23 28.75
C MET B 1 -30.23 1.77 28.80
N ILE B 2 -29.61 1.31 27.73
CA ILE B 2 -29.13 -0.06 27.64
C ILE B 2 -27.73 -0.17 28.25
N THR B 3 -27.54 -1.16 29.10
CA THR B 3 -26.23 -1.43 29.67
C THR B 3 -25.61 -2.68 29.03
N ILE B 4 -24.50 -2.49 28.33
CA ILE B 4 -23.82 -3.59 27.66
C ILE B 4 -22.59 -4.02 28.44
N ASP B 5 -22.53 -5.30 28.78
CA ASP B 5 -21.36 -5.85 29.43
C ASP B 5 -20.28 -6.12 28.38
N GLY B 6 -19.33 -5.19 28.28
CA GLY B 6 -18.23 -5.30 27.34
C GLY B 6 -17.39 -6.56 27.52
N SER B 7 -17.57 -7.26 28.63
CA SER B 7 -16.80 -8.47 28.86
C SER B 7 -17.49 -9.73 28.37
N TYR B 8 -18.69 -9.58 27.79
CA TYR B 8 -19.47 -10.74 27.35
C TYR B 8 -18.75 -11.54 26.26
N GLY B 9 -18.80 -12.86 26.36
CA GLY B 9 -18.22 -13.73 25.35
C GLY B 9 -16.73 -13.47 25.19
N GLU B 10 -16.30 -13.09 23.99
CA GLU B 10 -14.90 -12.79 23.74
C GLU B 10 -14.45 -11.46 24.33
N GLY B 11 -15.40 -10.58 24.60
CA GLY B 11 -15.11 -9.34 25.29
C GLY B 11 -14.12 -8.43 24.58
N GLY B 12 -14.33 -8.25 23.28
CA GLY B 12 -13.39 -7.51 22.46
C GLY B 12 -13.97 -6.21 21.94
N GLY B 13 -13.29 -5.62 20.95
CA GLY B 13 -13.75 -4.38 20.35
C GLY B 13 -15.05 -4.48 19.54
N GLN B 14 -15.38 -5.68 19.09
CA GLN B 14 -16.60 -5.87 18.28
C GLN B 14 -17.84 -5.46 19.07
N ILE B 15 -17.92 -5.91 20.32
CA ILE B 15 -19.11 -5.63 21.13
C ILE B 15 -19.23 -4.12 21.32
N LEU B 16 -18.09 -3.47 21.50
CA LEU B 16 -18.01 -2.02 21.60
C LEU B 16 -18.47 -1.31 20.31
N ARG B 17 -17.87 -1.72 19.18
CA ARG B 17 -18.19 -1.11 17.90
C ARG B 17 -19.68 -1.27 17.55
N THR B 18 -20.20 -2.47 17.73
CA THR B 18 -21.60 -2.76 17.41
C THR B 18 -22.60 -2.05 18.34
N SER B 19 -22.30 -2.00 19.65
CA SER B 19 -23.20 -1.32 20.62
C SER B 19 -23.37 0.17 20.29
N VAL B 20 -22.27 0.83 19.93
CA VAL B 20 -22.35 2.25 19.58
C VAL B 20 -23.09 2.46 18.26
N ALA B 21 -22.89 1.56 17.30
CA ALA B 21 -23.68 1.65 16.07
C ALA B 21 -25.17 1.49 16.35
N LEU B 22 -25.51 0.55 17.24
CA LEU B 22 -26.93 0.36 17.55
C LEU B 22 -27.55 1.50 18.37
N SER B 23 -26.78 2.11 19.25
CA SER B 23 -27.25 3.27 20.00
C SER B 23 -27.61 4.36 19.00
N THR B 24 -26.72 4.53 18.04
CA THR B 24 -26.83 5.51 16.98
C THR B 24 -28.09 5.28 16.13
N ILE B 25 -28.39 4.03 15.83
CA ILE B 25 -29.53 3.70 14.97
C ILE B 25 -30.87 3.88 15.69
N THR B 26 -30.96 3.33 16.90
CA THR B 26 -32.22 3.29 17.64
C THR B 26 -32.51 4.60 18.37
N GLY B 27 -31.47 5.38 18.62
CA GLY B 27 -31.59 6.61 19.39
C GLY B 27 -31.50 6.38 20.89
N GLU B 28 -31.51 5.12 21.31
CA GLU B 28 -31.44 4.78 22.72
C GLU B 28 -30.04 4.92 23.26
N PRO B 29 -29.89 5.62 24.39
CA PRO B 29 -28.57 5.79 25.03
C PRO B 29 -27.99 4.45 25.47
N VAL B 30 -26.67 4.32 25.42
CA VAL B 30 -26.03 3.10 25.85
C VAL B 30 -24.88 3.37 26.81
N ARG B 31 -24.76 2.50 27.80
CA ARG B 31 -23.63 2.50 28.70
C ARG B 31 -22.96 1.15 28.53
N ILE B 32 -21.67 1.16 28.25
CA ILE B 32 -20.93 -0.08 28.13
C ILE B 32 -19.91 -0.15 29.25
N VAL B 33 -19.91 -1.27 29.97
CA VAL B 33 -19.03 -1.44 31.12
C VAL B 33 -18.07 -2.60 30.86
N ASN B 34 -17.11 -2.75 31.75
CA ASN B 34 -16.11 -3.81 31.65
C ASN B 34 -15.50 -3.90 30.26
N ILE B 35 -15.35 -2.75 29.61
CA ILE B 35 -14.85 -2.72 28.24
C ILE B 35 -13.51 -3.44 28.12
N ARG B 36 -13.51 -4.52 27.36
CA ARG B 36 -12.31 -5.31 27.08
C ARG B 36 -11.57 -5.73 28.36
N ALA B 37 -12.34 -6.01 29.41
CA ALA B 37 -11.78 -6.30 30.73
C ALA B 37 -10.74 -7.42 30.76
N ASN B 38 -11.05 -8.54 30.12
CA ASN B 38 -10.17 -9.72 30.17
C ASN B 38 -9.16 -9.79 29.04
N ARG B 39 -8.99 -8.68 28.33
CA ARG B 39 -7.99 -8.61 27.27
C ARG B 39 -6.61 -8.28 27.86
N PRO B 40 -5.51 -8.51 27.10
CA PRO B 40 -4.17 -8.27 27.67
C PRO B 40 -3.98 -6.83 28.14
N ASN B 41 -4.35 -5.87 27.30
CA ASN B 41 -4.37 -4.47 27.67
C ASN B 41 -5.79 -3.96 27.70
N PRO B 42 -6.51 -4.21 28.80
CA PRO B 42 -7.95 -3.91 28.91
C PRO B 42 -8.33 -2.45 28.68
N GLY B 43 -9.63 -2.21 28.63
CA GLY B 43 -10.15 -0.88 28.40
C GLY B 43 -10.09 -0.53 26.92
N LEU B 44 -10.59 0.64 26.55
CA LEU B 44 -10.56 0.99 25.16
C LEU B 44 -9.20 1.53 24.71
N ARG B 45 -8.96 1.46 23.41
CA ARG B 45 -7.69 1.86 22.83
C ARG B 45 -7.99 2.92 21.77
N PRO B 46 -6.95 3.59 21.23
CA PRO B 46 -7.26 4.68 20.29
C PRO B 46 -8.01 4.22 19.03
N GLN B 47 -7.75 3.01 18.55
CA GLN B 47 -8.49 2.45 17.42
C GLN B 47 -9.99 2.42 17.71
N HIS B 48 -10.32 2.09 18.94
CA HIS B 48 -11.72 2.05 19.36
C HIS B 48 -12.24 3.46 19.53
N LEU B 49 -11.38 4.36 20.00
CA LEU B 49 -11.74 5.76 20.15
C LEU B 49 -12.22 6.40 18.84
N HIS B 50 -11.56 6.02 17.74
CA HIS B 50 -11.87 6.59 16.43
C HIS B 50 -13.26 6.24 15.92
N ALA B 51 -13.63 4.98 16.06
CA ALA B 51 -14.96 4.54 15.69
C ALA B 51 -16.01 5.36 16.45
N ILE B 52 -15.76 5.59 17.74
CA ILE B 52 -16.74 6.20 18.62
C ILE B 52 -17.09 7.65 18.26
N LEU B 53 -16.08 8.48 17.99
CA LEU B 53 -16.36 9.89 17.70
C LEU B 53 -17.04 10.08 16.34
N ALA B 54 -16.68 9.22 15.39
CA ALA B 54 -17.36 9.20 14.10
C ALA B 54 -18.87 9.00 14.28
N LEU B 55 -19.23 8.04 15.13
CA LEU B 55 -20.62 7.80 15.46
C LEU B 55 -21.19 8.90 16.36
N LYS B 56 -20.37 9.46 17.25
CA LYS B 56 -20.80 10.60 18.06
C LYS B 56 -21.20 11.76 17.17
N HIS B 57 -20.39 11.99 16.16
CA HIS B 57 -20.65 13.04 15.18
C HIS B 57 -21.98 12.82 14.45
N LEU B 58 -22.23 11.58 14.06
CA LEU B 58 -23.45 11.26 13.32
C LEU B 58 -24.71 11.50 14.14
N ALA B 59 -24.63 11.20 15.44
CA ALA B 59 -25.83 11.25 16.28
C ALA B 59 -25.91 12.49 17.17
N ASN B 60 -24.99 13.43 16.98
CA ASN B 60 -24.93 14.65 17.79
C ASN B 60 -24.89 14.27 19.26
N ALA B 61 -24.14 13.21 19.55
CA ALA B 61 -24.25 12.50 20.81
C ALA B 61 -23.39 13.05 21.94
N GLU B 62 -23.87 12.85 23.15
CA GLU B 62 -23.11 13.22 24.35
C GLU B 62 -22.39 11.99 24.87
N VAL B 63 -21.07 12.09 25.00
CA VAL B 63 -20.24 10.95 25.37
C VAL B 63 -19.43 11.21 26.63
N LYS B 64 -19.33 10.20 27.49
CA LYS B 64 -18.48 10.25 28.68
C LYS B 64 -17.66 8.97 28.79
N GLY B 65 -16.37 9.09 29.08
CA GLY B 65 -15.53 7.93 29.26
C GLY B 65 -14.69 7.61 28.04
N ALA B 66 -14.78 8.47 27.03
CA ALA B 66 -14.01 8.30 25.80
C ALA B 66 -12.54 8.64 25.97
N HIS B 67 -11.76 7.69 26.52
CA HIS B 67 -10.32 7.87 26.64
C HIS B 67 -9.59 6.54 26.80
N VAL B 68 -8.31 6.53 26.46
CA VAL B 68 -7.49 5.33 26.49
C VAL B 68 -7.49 4.66 27.86
N GLY B 69 -7.80 3.37 27.90
CA GLY B 69 -7.76 2.61 29.14
C GLY B 69 -9.09 2.62 29.87
N SER B 70 -10.02 3.44 29.42
CA SER B 70 -11.35 3.49 30.03
C SER B 70 -12.06 2.14 29.89
N ARG B 71 -12.61 1.65 30.99
CA ARG B 71 -13.34 0.40 30.98
C ARG B 71 -14.84 0.66 30.95
N GLU B 72 -15.23 1.92 30.78
CA GLU B 72 -16.64 2.27 30.76
C GLU B 72 -16.90 3.48 29.87
N LEU B 73 -18.03 3.47 29.19
CA LEU B 73 -18.37 4.52 28.23
C LEU B 73 -19.87 4.79 28.26
N VAL B 74 -20.25 6.06 28.20
CA VAL B 74 -21.66 6.41 28.07
C VAL B 74 -21.86 7.15 26.76
N PHE B 75 -22.87 6.73 25.98
CA PHE B 75 -23.10 7.28 24.66
C PHE B 75 -24.58 7.67 24.50
N ILE B 76 -24.83 8.97 24.33
CA ILE B 76 -26.20 9.49 24.34
C ILE B 76 -26.55 10.17 23.04
N PRO B 77 -27.17 9.43 22.11
CA PRO B 77 -27.47 9.97 20.78
C PRO B 77 -28.67 10.93 20.76
N LYS B 78 -28.58 11.95 19.92
CA LYS B 78 -29.74 12.77 19.56
C LYS B 78 -30.22 12.30 18.19
N LYS B 79 -30.81 13.19 17.40
CA LYS B 79 -31.29 12.80 16.08
C LYS B 79 -30.14 12.50 15.12
N LEU B 80 -30.34 11.52 14.24
CA LEU B 80 -29.30 11.07 13.33
C LEU B 80 -29.31 11.84 12.03
N GLU B 81 -28.18 12.45 11.68
CA GLU B 81 -28.15 13.36 10.53
C GLU B 81 -26.99 13.11 9.58
N ALA B 82 -27.32 13.13 8.28
CA ALA B 82 -26.33 12.94 7.22
C ALA B 82 -25.28 14.05 7.23
N LYS B 83 -24.01 13.66 7.26
CA LYS B 83 -22.92 14.62 7.28
C LYS B 83 -21.85 14.24 6.25
N GLU B 84 -20.60 14.49 6.62
CA GLU B 84 -19.46 13.90 5.94
C GLU B 84 -18.52 13.40 7.04
N ILE B 85 -18.08 12.16 6.93
CA ILE B 85 -17.31 11.54 7.99
C ILE B 85 -15.84 11.41 7.59
N SER B 86 -14.94 11.78 8.50
CA SER B 86 -13.51 11.65 8.24
C SER B 86 -12.79 11.10 9.44
N ILE B 87 -12.13 9.96 9.26
CA ILE B 87 -11.52 9.26 10.37
C ILE B 87 -10.08 8.87 10.03
N ASP B 88 -9.15 9.19 10.92
CA ASP B 88 -7.77 8.78 10.77
C ASP B 88 -7.39 7.82 11.89
N ILE B 89 -7.55 6.53 11.63
CA ILE B 89 -7.44 5.52 12.67
C ILE B 89 -6.08 5.50 13.37
N GLY B 90 -5.01 5.69 12.61
CA GLY B 90 -3.70 5.63 13.21
C GLY B 90 -3.00 4.34 12.83
N THR B 91 -1.77 4.52 12.34
CA THR B 91 -0.97 3.44 11.81
C THR B 91 -1.82 2.43 11.02
N ALA B 92 -1.71 1.14 11.35
CA ALA B 92 -2.35 0.11 10.51
C ALA B 92 -3.68 -0.40 11.08
N GLY B 93 -4.32 0.43 11.89
CA GLY B 93 -5.60 0.08 12.49
C GLY B 93 -6.62 -0.24 11.42
N SER B 94 -7.37 -1.33 11.62
CA SER B 94 -8.28 -1.83 10.58
C SER B 94 -9.36 -0.86 10.15
N ILE B 95 -9.29 -0.45 8.89
CA ILE B 95 -10.35 0.35 8.31
C ILE B 95 -11.65 -0.43 8.22
N THR B 96 -11.56 -1.71 7.85
CA THR B 96 -12.78 -2.50 7.70
C THR B 96 -13.53 -2.74 9.02
N LEU B 97 -12.80 -2.87 10.13
CA LEU B 97 -13.48 -3.00 11.43
C LEU B 97 -14.34 -1.78 11.72
N VAL B 98 -13.76 -0.60 11.52
CA VAL B 98 -14.52 0.65 11.68
C VAL B 98 -15.70 0.70 10.72
N LEU B 99 -15.42 0.46 9.46
CA LEU B 99 -16.43 0.50 8.41
C LEU B 99 -17.59 -0.48 8.67
N GLN B 100 -17.29 -1.65 9.20
CA GLN B 100 -18.34 -2.65 9.48
C GLN B 100 -19.38 -2.11 10.45
N ALA B 101 -18.93 -1.27 11.38
CA ALA B 101 -19.79 -0.70 12.39
C ALA B 101 -20.44 0.59 11.89
N LEU B 102 -19.73 1.30 11.02
CA LEU B 102 -20.22 2.58 10.50
C LEU B 102 -21.34 2.41 9.46
N LEU B 103 -21.20 1.42 8.57
CA LEU B 103 -22.18 1.16 7.50
C LEU B 103 -23.64 1.04 7.98
N PRO B 104 -23.92 0.17 8.97
CA PRO B 104 -25.33 0.04 9.39
C PRO B 104 -25.90 1.34 10.00
N ALA B 105 -25.06 2.09 10.71
CA ALA B 105 -25.48 3.38 11.24
C ALA B 105 -25.78 4.42 10.16
N MET B 106 -24.84 4.58 9.22
CA MET B 106 -24.92 5.60 8.17
C MET B 106 -26.15 5.50 7.27
N VAL B 107 -26.60 4.28 7.00
CA VAL B 107 -27.75 4.10 6.10
C VAL B 107 -29.09 4.52 6.73
N PHE B 108 -29.08 4.79 8.03
CA PHE B 108 -30.29 5.28 8.70
C PHE B 108 -30.35 6.81 8.73
N ALA B 109 -29.29 7.45 8.26
CA ALA B 109 -29.30 8.89 8.07
C ALA B 109 -30.36 9.23 7.01
N ARG B 110 -30.87 10.45 7.02
CA ARG B 110 -31.95 10.77 6.10
C ARG B 110 -31.46 11.19 4.72
N GLU B 111 -30.20 11.60 4.64
CA GLU B 111 -29.54 11.88 3.37
C GLU B 111 -28.24 11.08 3.20
N LYS B 112 -27.64 11.22 2.03
CA LYS B 112 -26.39 10.55 1.67
C LYS B 112 -25.25 10.88 2.64
N VAL B 113 -24.44 9.90 2.98
CA VAL B 113 -23.30 10.12 3.86
C VAL B 113 -22.01 9.67 3.20
N LYS B 114 -21.11 10.62 2.96
CA LYS B 114 -19.80 10.34 2.40
C LYS B 114 -18.84 10.10 3.55
N PHE B 115 -17.83 9.26 3.32
CA PHE B 115 -16.85 9.00 4.35
C PHE B 115 -15.44 8.90 3.75
N ARG B 116 -14.45 9.14 4.61
CA ARG B 116 -13.07 8.96 4.22
C ARG B 116 -12.36 8.45 5.46
N ILE B 117 -11.66 7.32 5.31
CA ILE B 117 -11.07 6.65 6.45
C ILE B 117 -9.63 6.27 6.09
N THR B 118 -8.71 6.52 7.00
CA THR B 118 -7.31 6.15 6.76
C THR B 118 -6.86 5.16 7.80
N GLY B 119 -5.84 4.39 7.47
CA GLY B 119 -5.41 3.31 8.33
C GLY B 119 -4.96 2.13 7.50
N GLY B 120 -5.19 0.92 8.03
CA GLY B 120 -4.81 -0.30 7.37
C GLY B 120 -5.95 -0.81 6.51
N THR B 121 -5.67 -1.08 5.24
CA THR B 121 -6.70 -1.61 4.35
C THR B 121 -6.65 -3.13 4.31
N ASP B 122 -5.49 -3.69 4.59
CA ASP B 122 -5.29 -5.13 4.44
C ASP B 122 -4.46 -5.67 5.60
N VAL B 123 -5.14 -5.99 6.71
CA VAL B 123 -4.45 -6.39 7.93
C VAL B 123 -5.03 -7.68 8.50
N SER B 124 -4.23 -8.40 9.26
CA SER B 124 -4.67 -9.68 9.83
C SER B 124 -5.91 -9.53 10.70
N TRP B 125 -6.72 -10.59 10.74
CA TRP B 125 -7.87 -10.69 11.66
C TRP B 125 -9.02 -9.72 11.40
N SER B 126 -9.13 -9.25 10.16
CA SER B 126 -10.32 -8.51 9.74
C SER B 126 -10.42 -8.66 8.23
N PRO B 127 -11.62 -8.51 7.66
CA PRO B 127 -11.73 -8.65 6.21
C PRO B 127 -10.90 -7.61 5.46
N PRO B 128 -10.30 -8.00 4.34
CA PRO B 128 -9.60 -7.00 3.51
C PRO B 128 -10.62 -6.05 2.88
N VAL B 129 -10.24 -4.80 2.66
CA VAL B 129 -11.19 -3.81 2.16
C VAL B 129 -11.86 -4.26 0.85
N ASP B 130 -11.10 -4.96 0.00
CA ASP B 130 -11.64 -5.45 -1.27
C ASP B 130 -12.79 -6.44 -1.03
N TYR B 131 -12.79 -7.13 0.11
CA TYR B 131 -13.93 -7.97 0.49
C TYR B 131 -15.21 -7.12 0.74
N LEU B 132 -15.07 -6.01 1.46
CA LEU B 132 -16.21 -5.14 1.70
C LEU B 132 -16.76 -4.57 0.38
N SER B 133 -15.85 -4.18 -0.51
CA SER B 133 -16.20 -3.60 -1.81
C SER B 133 -16.98 -4.56 -2.69
N ASN B 134 -16.52 -5.81 -2.74
CA ASN B 134 -17.02 -6.75 -3.74
C ASN B 134 -17.93 -7.88 -3.24
N VAL B 135 -17.94 -8.10 -1.93
CA VAL B 135 -18.79 -9.15 -1.35
C VAL B 135 -19.84 -8.53 -0.46
N THR B 136 -19.41 -7.70 0.50
CA THR B 136 -20.37 -7.11 1.43
C THR B 136 -21.38 -6.19 0.75
N LEU B 137 -20.92 -5.27 -0.12
CA LEU B 137 -21.82 -4.35 -0.78
C LEU B 137 -22.77 -5.10 -1.70
N PHE B 138 -22.26 -6.17 -2.32
CA PHE B 138 -23.08 -6.98 -3.21
C PHE B 138 -24.31 -7.54 -2.48
N ALA B 139 -24.09 -8.01 -1.25
CA ALA B 139 -25.16 -8.56 -0.45
C ALA B 139 -26.08 -7.46 0.09
N LEU B 140 -25.51 -6.34 0.51
CA LEU B 140 -26.34 -5.22 0.99
C LEU B 140 -27.26 -4.68 -0.11
N GLU B 141 -26.84 -4.79 -1.37
CA GLU B 141 -27.69 -4.38 -2.48
C GLU B 141 -29.01 -5.20 -2.48
N LYS B 142 -28.91 -6.49 -2.20
CA LYS B 142 -30.06 -7.38 -2.17
C LYS B 142 -31.15 -6.93 -1.19
N ILE B 143 -30.76 -6.23 -0.13
CA ILE B 143 -31.74 -5.76 0.84
C ILE B 143 -32.14 -4.29 0.67
N GLY B 144 -31.62 -3.66 -0.38
CA GLY B 144 -32.03 -2.31 -0.76
C GLY B 144 -31.02 -1.22 -0.45
N ILE B 145 -29.81 -1.61 -0.07
CA ILE B 145 -28.77 -0.64 0.28
C ILE B 145 -27.82 -0.39 -0.88
N HIS B 146 -27.57 0.89 -1.17
CA HIS B 146 -26.64 1.27 -2.23
C HIS B 146 -25.52 2.16 -1.70
N GLY B 147 -24.34 2.01 -2.30
CA GLY B 147 -23.17 2.73 -1.84
C GLY B 147 -21.88 2.36 -2.57
N GLU B 148 -20.78 2.94 -2.11
CA GLU B 148 -19.50 2.68 -2.72
C GLU B 148 -18.39 2.65 -1.68
N ILE B 149 -17.42 1.80 -1.91
CA ILE B 149 -16.24 1.74 -1.07
C ILE B 149 -15.05 1.61 -2.02
N ARG B 150 -14.20 2.63 -2.04
CA ARG B 150 -13.09 2.65 -2.99
C ARG B 150 -11.76 2.74 -2.27
N VAL B 151 -10.81 1.90 -2.69
CA VAL B 151 -9.48 1.96 -2.15
C VAL B 151 -8.66 2.98 -2.93
N ILE B 152 -8.44 4.14 -2.33
CA ILE B 152 -7.59 5.16 -2.93
C ILE B 152 -6.12 4.73 -2.74
N ARG B 153 -5.81 4.23 -1.56
CA ARG B 153 -4.44 3.81 -1.28
C ARG B 153 -4.40 2.67 -0.28
N ARG B 154 -3.48 1.74 -0.49
CA ARG B 154 -3.34 0.59 0.39
C ARG B 154 -2.59 0.99 1.67
N GLY B 155 -2.85 0.27 2.75
CA GLY B 155 -2.08 0.40 3.97
C GLY B 155 -1.96 -0.96 4.63
N HIS B 156 -0.74 -1.39 4.94
CA HIS B 156 -0.50 -2.66 5.59
C HIS B 156 0.20 -2.46 6.94
N TYR B 157 0.25 -3.52 7.75
CA TYR B 157 1.03 -3.50 8.98
C TYR B 157 2.50 -3.36 8.60
N PRO B 158 3.28 -2.54 9.33
CA PRO B 158 2.95 -1.83 10.58
C PRO B 158 2.50 -0.39 10.46
N LYS B 159 2.73 0.28 9.33
CA LYS B 159 2.56 1.74 9.31
C LYS B 159 1.24 2.26 8.73
N GLY B 160 0.54 1.41 7.98
CA GLY B 160 -0.72 1.83 7.40
C GLY B 160 -0.54 2.81 6.26
N GLY B 161 -1.17 3.96 6.35
CA GLY B 161 -1.13 4.96 5.29
C GLY B 161 -2.16 4.67 4.20
N GLY B 162 -3.07 3.74 4.46
CA GLY B 162 -4.13 3.45 3.50
C GLY B 162 -5.20 4.53 3.53
N ILE B 163 -5.92 4.67 2.42
CA ILE B 163 -7.01 5.64 2.32
C ILE B 163 -8.20 5.00 1.64
N VAL B 164 -9.36 5.08 2.28
CA VAL B 164 -10.58 4.55 1.68
C VAL B 164 -11.66 5.62 1.62
N GLU B 165 -12.31 5.75 0.47
CA GLU B 165 -13.35 6.76 0.31
C GLU B 165 -14.59 6.10 -0.25
N GLY B 166 -15.75 6.64 0.12
CA GLY B 166 -17.00 6.18 -0.44
C GLY B 166 -18.21 6.87 0.17
N TYR B 167 -19.38 6.26 -0.01
CA TYR B 167 -20.61 6.81 0.51
C TYR B 167 -21.67 5.72 0.66
N VAL B 168 -22.73 6.03 1.39
CA VAL B 168 -23.94 5.20 1.35
C VAL B 168 -25.14 6.10 1.13
N GLU B 169 -26.18 5.55 0.49
CA GLU B 169 -27.47 6.21 0.37
C GLU B 169 -28.36 5.85 1.55
N PRO B 170 -29.35 6.70 1.85
CA PRO B 170 -30.34 6.41 2.88
C PRO B 170 -31.13 5.15 2.53
N TRP B 171 -31.37 4.31 3.53
CA TRP B 171 -32.01 3.02 3.30
C TRP B 171 -33.54 3.18 3.30
N ASN B 172 -34.09 3.60 2.16
CA ASN B 172 -35.52 3.91 2.05
C ASN B 172 -36.41 2.73 1.73
N GLU B 173 -35.96 1.88 0.80
CA GLU B 173 -36.70 0.65 0.50
C GLU B 173 -35.97 -0.56 1.09
N LYS B 174 -36.53 -1.12 2.16
CA LYS B 174 -35.93 -2.29 2.79
C LYS B 174 -36.67 -3.55 2.35
N ARG B 175 -35.95 -4.55 1.86
CA ARG B 175 -36.58 -5.82 1.56
C ARG B 175 -35.82 -6.98 2.20
N GLU B 176 -36.54 -8.06 2.50
CA GLU B 176 -35.94 -9.15 3.24
C GLU B 176 -34.92 -9.91 2.41
N LEU B 177 -33.94 -10.49 3.10
CA LEU B 177 -32.97 -11.33 2.42
C LEU B 177 -33.24 -12.78 2.76
N VAL B 178 -33.42 -13.60 1.74
CA VAL B 178 -33.61 -15.03 1.94
C VAL B 178 -32.48 -15.73 1.20
N ALA B 179 -31.53 -16.26 1.95
CA ALA B 179 -30.36 -16.87 1.32
C ALA B 179 -29.95 -18.13 2.07
N LYS B 180 -30.48 -19.28 1.64
CA LYS B 180 -30.26 -20.51 2.36
C LYS B 180 -29.16 -21.31 1.70
N GLU B 181 -29.53 -22.06 0.66
CA GLU B 181 -28.54 -22.79 -0.14
C GLU B 181 -28.41 -22.17 -1.52
N TYR B 182 -27.19 -22.15 -2.05
CA TYR B 182 -26.98 -21.68 -3.41
C TYR B 182 -27.15 -22.82 -4.39
N SER B 183 -27.64 -22.50 -5.58
CA SER B 183 -27.94 -23.49 -6.61
C SER B 183 -26.74 -23.79 -7.50
N ARG B 184 -25.99 -22.75 -7.83
CA ARG B 184 -24.85 -22.93 -8.72
C ARG B 184 -23.85 -21.79 -8.55
N ILE B 185 -22.61 -22.08 -8.89
CA ILE B 185 -21.57 -21.07 -8.97
C ILE B 185 -21.44 -20.58 -10.40
N ILE B 186 -21.63 -19.28 -10.60
CA ILE B 186 -21.60 -18.68 -11.94
C ILE B 186 -20.18 -18.38 -12.44
N LYS B 187 -19.39 -17.70 -11.61
CA LYS B 187 -18.04 -17.33 -12.01
C LYS B 187 -17.22 -17.06 -10.76
N ILE B 188 -15.90 -16.99 -10.94
CA ILE B 188 -15.02 -16.52 -9.89
C ILE B 188 -14.30 -15.26 -10.37
N GLU B 189 -14.22 -14.27 -9.50
CA GLU B 189 -13.41 -13.08 -9.75
C GLU B 189 -12.55 -12.81 -8.52
N GLY B 190 -11.53 -11.97 -8.69
CA GLY B 190 -10.70 -11.62 -7.55
C GLY B 190 -9.84 -10.42 -7.82
N ILE B 191 -9.15 -9.97 -6.78
CA ILE B 191 -8.19 -8.88 -6.89
C ILE B 191 -6.97 -9.29 -6.11
N SER B 192 -5.83 -9.35 -6.79
CA SER B 192 -4.57 -9.65 -6.15
C SER B 192 -3.73 -8.37 -6.18
N HIS B 193 -3.28 -7.91 -5.01
CA HIS B 193 -2.52 -6.65 -4.94
C HIS B 193 -1.13 -6.85 -4.36
N ALA B 194 -0.23 -5.94 -4.73
CA ALA B 194 1.12 -5.87 -4.17
C ALA B 194 1.48 -4.39 -4.04
N THR B 195 2.08 -4.03 -2.91
CA THR B 195 2.34 -2.63 -2.61
C THR B 195 3.78 -2.49 -2.13
N ASN B 196 4.51 -1.55 -2.75
CA ASN B 196 5.94 -1.41 -2.49
C ASN B 196 6.68 -2.74 -2.67
N LEU B 197 6.23 -3.51 -3.66
CA LEU B 197 6.79 -4.81 -4.02
C LEU B 197 6.62 -4.96 -5.53
N PRO B 198 7.39 -5.86 -6.16
CA PRO B 198 7.29 -5.96 -7.61
C PRO B 198 6.00 -6.58 -8.10
N SER B 199 5.69 -6.35 -9.37
CA SER B 199 4.54 -6.90 -10.07
C SER B 199 4.39 -8.40 -9.91
N HIS B 200 5.50 -9.12 -9.99
CA HIS B 200 5.45 -10.57 -9.97
C HIS B 200 4.78 -11.15 -8.71
N VAL B 201 4.81 -10.40 -7.61
CA VAL B 201 4.15 -10.84 -6.39
C VAL B 201 2.63 -10.96 -6.61
N ALA B 202 2.01 -9.88 -7.07
CA ALA B 202 0.57 -9.86 -7.36
C ALA B 202 0.19 -10.89 -8.42
N GLU B 203 1.10 -11.15 -9.35
CA GLU B 203 0.81 -12.09 -10.43
C GLU B 203 0.93 -13.53 -9.99
N ARG B 204 1.95 -13.85 -9.20
CA ARG B 204 2.12 -15.21 -8.75
C ARG B 204 0.99 -15.58 -7.79
N GLN B 205 0.53 -14.60 -7.00
CA GLN B 205 -0.64 -14.80 -6.14
C GLN B 205 -1.85 -15.22 -6.96
N ALA B 206 -2.15 -14.44 -8.01
CA ALA B 206 -3.36 -14.64 -8.80
C ALA B 206 -3.30 -15.95 -9.59
N ARG B 207 -2.13 -16.26 -10.10
CA ARG B 207 -1.91 -17.49 -10.85
C ARG B 207 -2.14 -18.72 -9.97
N ALA B 208 -1.55 -18.71 -8.78
CA ALA B 208 -1.70 -19.82 -7.85
C ALA B 208 -3.15 -20.01 -7.42
N ALA B 209 -3.84 -18.90 -7.19
CA ALA B 209 -5.26 -18.98 -6.83
C ALA B 209 -6.09 -19.54 -7.98
N LYS B 210 -5.83 -19.05 -9.18
CA LYS B 210 -6.54 -19.53 -10.36
C LYS B 210 -6.39 -21.05 -10.52
N ASP B 211 -5.15 -21.52 -10.45
CA ASP B 211 -4.83 -22.94 -10.61
C ASP B 211 -5.57 -23.81 -9.60
N GLU B 212 -5.69 -23.34 -8.37
CA GLU B 212 -6.37 -24.08 -7.32
C GLU B 212 -7.89 -24.10 -7.53
N LEU B 213 -8.42 -23.17 -8.32
CA LEU B 213 -9.87 -23.04 -8.50
C LEU B 213 -10.38 -23.62 -9.82
N LEU B 214 -9.47 -24.10 -10.66
CA LEU B 214 -9.82 -24.68 -11.95
C LEU B 214 -10.83 -25.83 -11.79
N GLN B 215 -10.65 -26.59 -10.71
CA GLN B 215 -11.51 -27.71 -10.36
C GLN B 215 -13.02 -27.38 -10.37
N LEU B 216 -13.36 -26.11 -10.14
CA LEU B 216 -14.76 -25.68 -10.06
C LEU B 216 -15.44 -25.59 -11.43
N LYS B 217 -14.64 -25.55 -12.49
CA LYS B 217 -15.13 -25.57 -13.86
C LYS B 217 -16.02 -24.38 -14.20
N VAL B 218 -15.70 -23.22 -13.63
CA VAL B 218 -16.41 -21.99 -13.97
C VAL B 218 -15.35 -20.98 -14.44
N PRO B 219 -15.78 -19.89 -15.08
CA PRO B 219 -14.78 -18.90 -15.50
C PRO B 219 -14.09 -18.26 -14.29
N ILE B 220 -12.81 -17.92 -14.43
CA ILE B 220 -12.04 -17.27 -13.37
C ILE B 220 -11.32 -16.04 -13.91
N GLU B 221 -11.54 -14.89 -13.28
CA GLU B 221 -10.87 -13.66 -13.68
C GLU B 221 -10.38 -12.89 -12.46
N ILE B 222 -9.07 -13.00 -12.19
CA ILE B 222 -8.46 -12.28 -11.09
C ILE B 222 -7.59 -11.14 -11.60
N ARG B 223 -7.95 -9.92 -11.24
CA ARG B 223 -7.19 -8.72 -11.60
C ARG B 223 -5.98 -8.50 -10.70
N THR B 224 -4.99 -7.76 -11.21
CA THR B 224 -3.85 -7.37 -10.39
C THR B 224 -3.76 -5.85 -10.22
N GLU B 225 -3.38 -5.45 -9.01
CA GLU B 225 -3.17 -4.04 -8.68
CA GLU B 225 -3.17 -4.03 -8.69
C GLU B 225 -1.79 -3.87 -8.05
N ILE B 226 -0.94 -3.07 -8.68
CA ILE B 226 0.38 -2.80 -8.11
C ILE B 226 0.47 -1.31 -7.73
N SER B 227 0.81 -1.02 -6.48
CA SER B 227 0.69 0.36 -6.02
C SER B 227 1.80 0.72 -5.04
N ARG B 228 1.81 1.98 -4.60
CA ARG B 228 2.79 2.42 -3.62
C ARG B 228 2.08 2.89 -2.37
N SER B 229 2.70 2.66 -1.22
CA SER B 229 2.24 3.28 0.00
C SER B 229 3.43 3.50 0.94
N ILE B 230 3.23 3.32 2.24
CA ILE B 230 4.33 3.52 3.18
C ILE B 230 5.25 2.31 3.26
N GLY B 231 4.67 1.11 3.33
CA GLY B 231 5.45 -0.11 3.48
C GLY B 231 5.06 -1.21 2.51
N PRO B 232 5.84 -2.29 2.47
CA PRO B 232 5.48 -3.41 1.58
C PRO B 232 4.27 -4.16 2.15
N GLY B 233 3.53 -4.82 1.27
CA GLY B 233 2.37 -5.59 1.70
C GLY B 233 1.75 -6.18 0.46
N SER B 234 1.03 -7.29 0.61
CA SER B 234 0.31 -7.84 -0.53
C SER B 234 -0.82 -8.72 -0.01
N GLY B 235 -1.74 -9.05 -0.91
CA GLY B 235 -2.89 -9.82 -0.50
C GLY B 235 -3.71 -10.18 -1.70
N ILE B 236 -4.65 -11.10 -1.50
CA ILE B 236 -5.54 -11.47 -2.58
C ILE B 236 -6.88 -11.89 -1.99
N VAL B 237 -7.96 -11.43 -2.61
CA VAL B 237 -9.31 -11.90 -2.27
C VAL B 237 -9.92 -12.44 -3.56
N VAL B 238 -10.56 -13.61 -3.45
CA VAL B 238 -11.27 -14.21 -4.58
C VAL B 238 -12.69 -14.48 -4.11
N TRP B 239 -13.66 -14.35 -5.01
CA TRP B 239 -15.03 -14.60 -4.63
C TRP B 239 -15.75 -15.40 -5.70
N ALA B 240 -16.65 -16.28 -5.28
CA ALA B 240 -17.55 -17.00 -6.17
C ALA B 240 -18.89 -16.28 -6.21
N GLU B 241 -19.30 -15.84 -7.38
CA GLU B 241 -20.64 -15.31 -7.51
C GLU B 241 -21.57 -16.49 -7.80
N THR B 242 -22.52 -16.71 -6.91
CA THR B 242 -23.50 -17.78 -7.08
C THR B 242 -24.79 -17.15 -7.61
N ASP B 243 -25.83 -17.96 -7.74
CA ASP B 243 -27.15 -17.43 -8.12
C ASP B 243 -27.78 -16.57 -7.02
N CYS B 244 -27.20 -16.58 -5.83
CA CYS B 244 -27.70 -15.73 -4.76
CA CYS B 244 -27.70 -15.75 -4.74
C CYS B 244 -26.69 -14.66 -4.36
N LEU B 245 -25.79 -15.00 -3.44
CA LEU B 245 -24.78 -14.03 -2.99
C LEU B 245 -23.39 -14.43 -3.44
N ARG B 246 -22.42 -13.55 -3.19
CA ARG B 246 -21.02 -13.92 -3.38
C ARG B 246 -20.43 -14.44 -2.07
N LEU B 247 -19.54 -15.42 -2.17
CA LEU B 247 -18.79 -15.89 -1.00
C LEU B 247 -17.32 -15.63 -1.27
N GLY B 248 -16.56 -15.26 -0.25
CA GLY B 248 -15.16 -14.94 -0.46
C GLY B 248 -14.16 -15.75 0.33
N GLY B 249 -12.92 -15.74 -0.13
CA GLY B 249 -11.77 -16.31 0.55
C GLY B 249 -10.60 -15.36 0.32
N ASP B 250 -9.72 -15.21 1.30
CA ASP B 250 -8.68 -14.21 1.17
C ASP B 250 -7.42 -14.66 1.89
N ALA B 251 -6.30 -14.02 1.56
CA ALA B 251 -5.04 -14.28 2.24
C ALA B 251 -4.10 -13.08 2.09
N LEU B 252 -3.26 -12.87 3.11
CA LEU B 252 -2.29 -11.77 3.10
C LEU B 252 -0.89 -12.30 2.92
N GLY B 253 -0.04 -11.52 2.28
CA GLY B 253 1.37 -11.85 2.18
C GLY B 253 2.02 -11.77 3.54
N LYS B 254 3.15 -12.44 3.69
CA LYS B 254 3.80 -12.54 4.98
C LYS B 254 5.27 -12.88 4.74
N LYS B 255 6.17 -12.30 5.55
CA LYS B 255 7.60 -12.56 5.46
C LYS B 255 7.88 -14.05 5.29
N GLY B 256 8.66 -14.39 4.27
CA GLY B 256 9.10 -15.76 4.05
C GLY B 256 8.09 -16.69 3.40
N LYS B 257 6.86 -16.22 3.26
CA LYS B 257 5.81 -17.00 2.62
C LYS B 257 5.75 -16.69 1.14
N PRO B 258 5.99 -17.71 0.30
CA PRO B 258 5.94 -17.56 -1.15
C PRO B 258 4.57 -17.07 -1.63
N ALA B 259 4.60 -16.19 -2.63
CA ALA B 259 3.38 -15.62 -3.20
C ALA B 259 2.39 -16.71 -3.63
N GLU B 260 2.92 -17.83 -4.11
CA GLU B 260 2.08 -18.93 -4.57
C GLU B 260 1.31 -19.57 -3.41
N ILE B 261 1.95 -19.64 -2.25
CA ILE B 261 1.27 -20.12 -1.04
C ILE B 261 0.11 -19.19 -0.67
N VAL B 262 0.38 -17.89 -0.73
CA VAL B 262 -0.67 -16.89 -0.49
C VAL B 262 -1.89 -17.10 -1.39
N GLY B 263 -1.64 -17.30 -2.68
CA GLY B 263 -2.73 -17.40 -3.64
C GLY B 263 -3.49 -18.70 -3.40
N LYS B 264 -2.74 -19.76 -3.14
CA LYS B 264 -3.34 -21.05 -2.88
C LYS B 264 -4.20 -20.99 -1.61
N GLU B 265 -3.70 -20.32 -0.58
CA GLU B 265 -4.42 -20.21 0.68
C GLU B 265 -5.77 -19.49 0.54
N ALA B 266 -5.80 -18.43 -0.28
CA ALA B 266 -7.04 -17.70 -0.49
C ALA B 266 -8.06 -18.57 -1.20
N ALA B 267 -7.60 -19.27 -2.23
CA ALA B 267 -8.46 -20.21 -2.97
C ALA B 267 -8.99 -21.32 -2.07
N GLN B 268 -8.13 -21.88 -1.22
CA GLN B 268 -8.54 -22.96 -0.34
C GLN B 268 -9.61 -22.49 0.67
N GLU B 269 -9.43 -21.27 1.17
CA GLU B 269 -10.41 -20.66 2.06
C GLU B 269 -11.77 -20.49 1.37
N LEU B 270 -11.73 -20.05 0.11
CA LEU B 270 -12.97 -19.93 -0.68
C LEU B 270 -13.65 -21.30 -0.83
N LEU B 271 -12.87 -22.31 -1.19
CA LEU B 271 -13.37 -23.67 -1.33
C LEU B 271 -14.01 -24.17 -0.03
N ASP B 272 -13.33 -23.89 1.09
CA ASP B 272 -13.85 -24.25 2.40
C ASP B 272 -15.17 -23.53 2.68
N GLN B 273 -15.27 -22.26 2.32
CA GLN B 273 -16.50 -21.51 2.54
C GLN B 273 -17.64 -22.03 1.67
N LEU B 274 -17.31 -22.60 0.52
CA LEU B 274 -18.31 -23.09 -0.43
C LEU B 274 -18.86 -24.46 -0.05
N LYS B 275 -18.01 -25.26 0.61
CA LYS B 275 -18.30 -26.67 0.90
C LYS B 275 -19.70 -27.00 1.46
N PRO B 276 -20.14 -26.31 2.53
CA PRO B 276 -21.44 -26.68 3.10
C PRO B 276 -22.63 -26.43 2.17
N GLY B 277 -22.45 -25.59 1.16
CA GLY B 277 -23.53 -25.28 0.23
C GLY B 277 -24.46 -24.20 0.72
N HIS B 278 -24.10 -23.55 1.82
CA HIS B 278 -24.87 -22.42 2.35
C HIS B 278 -24.50 -21.12 1.62
N CYS B 279 -25.46 -20.19 1.56
CA CYS B 279 -25.32 -18.96 0.81
C CYS B 279 -24.31 -17.95 1.35
N VAL B 280 -24.17 -17.87 2.67
CA VAL B 280 -23.43 -16.78 3.32
C VAL B 280 -22.13 -17.24 3.98
N ASP B 281 -21.00 -16.64 3.64
CA ASP B 281 -19.73 -17.09 4.23
C ASP B 281 -19.55 -16.57 5.69
N LYS B 282 -18.44 -16.97 6.32
CA LYS B 282 -18.17 -16.68 7.74
C LYS B 282 -18.15 -15.19 8.08
N PHE B 283 -17.69 -14.37 7.15
CA PHE B 283 -17.54 -12.94 7.40
C PHE B 283 -18.87 -12.25 7.26
N LEU B 284 -19.49 -12.47 6.11
CA LEU B 284 -20.72 -11.79 5.77
C LEU B 284 -21.80 -12.16 6.78
N GLY B 285 -21.72 -13.39 7.29
CA GLY B 285 -22.59 -13.82 8.36
C GLY B 285 -22.67 -12.86 9.55
N ASP B 286 -21.51 -12.47 10.09
CA ASP B 286 -21.53 -11.51 11.18
C ASP B 286 -21.90 -10.10 10.69
N GLN B 287 -21.45 -9.73 9.49
CA GLN B 287 -21.67 -8.38 8.98
C GLN B 287 -23.15 -8.06 8.77
N LEU B 288 -23.90 -9.04 8.32
CA LEU B 288 -25.32 -8.85 8.02
C LEU B 288 -26.19 -8.65 9.26
N ILE B 289 -25.74 -9.16 10.42
CA ILE B 289 -26.58 -9.18 11.62
C ILE B 289 -27.30 -7.87 11.99
N PRO B 290 -26.58 -6.74 12.05
CA PRO B 290 -27.29 -5.49 12.38
C PRO B 290 -28.33 -5.09 11.32
N PHE B 291 -28.05 -5.38 10.04
CA PHE B 291 -28.98 -5.06 8.97
C PHE B 291 -30.23 -5.94 9.01
N LEU B 292 -30.05 -7.25 9.26
CA LEU B 292 -31.13 -8.23 9.16
C LEU B 292 -32.27 -7.95 10.13
N ALA B 293 -31.96 -7.27 11.23
CA ALA B 293 -32.98 -6.97 12.22
C ALA B 293 -34.03 -6.04 11.64
N PHE B 294 -33.62 -5.28 10.62
CA PHE B 294 -34.50 -4.32 9.96
C PHE B 294 -34.99 -4.81 8.60
N SER B 295 -34.18 -5.60 7.91
CA SER B 295 -34.60 -6.10 6.60
C SER B 295 -35.57 -7.27 6.73
N GLY B 296 -35.42 -8.05 7.81
CA GLY B 296 -36.07 -9.34 7.92
C GLY B 296 -35.39 -10.38 7.03
N GLY B 297 -35.79 -11.64 7.18
CA GLY B 297 -35.33 -12.68 6.29
C GLY B 297 -34.72 -13.88 6.99
N VAL B 298 -33.88 -14.62 6.27
CA VAL B 298 -33.18 -15.77 6.84
C VAL B 298 -31.89 -16.02 6.07
N ILE B 299 -30.80 -16.26 6.79
CA ILE B 299 -29.52 -16.64 6.17
C ILE B 299 -29.01 -17.99 6.70
N TRP B 300 -28.45 -18.78 5.81
CA TRP B 300 -27.71 -19.95 6.24
C TRP B 300 -26.22 -19.66 6.03
N VAL B 301 -25.43 -19.84 7.08
CA VAL B 301 -24.01 -19.53 7.00
C VAL B 301 -23.14 -20.80 6.94
N SER B 302 -22.00 -20.66 6.28
CA SER B 302 -21.06 -21.78 6.17
C SER B 302 -20.52 -22.11 7.55
N GLU B 303 -20.51 -21.10 8.42
CA GLU B 303 -19.86 -21.23 9.71
C GLU B 303 -20.33 -20.08 10.59
N ILE B 304 -20.86 -20.43 11.76
CA ILE B 304 -21.21 -19.45 12.79
C ILE B 304 -19.94 -19.06 13.53
N THR B 305 -19.60 -17.77 13.54
CA THR B 305 -18.39 -17.32 14.23
C THR B 305 -18.76 -16.70 15.58
N ASN B 306 -17.78 -16.56 16.47
CA ASN B 306 -18.02 -15.82 17.71
C ASN B 306 -18.48 -14.38 17.44
N HIS B 307 -17.98 -13.77 16.37
CA HIS B 307 -18.40 -12.42 16.04
C HIS B 307 -19.90 -12.36 15.71
N LEU B 308 -20.39 -13.38 15.01
CA LEU B 308 -21.81 -13.44 14.67
C LEU B 308 -22.64 -13.48 15.94
N LYS B 309 -22.24 -14.36 16.85
CA LYS B 309 -22.94 -14.52 18.12
C LYS B 309 -22.93 -13.23 18.94
N THR B 310 -21.80 -12.56 18.95
CA THR B 310 -21.67 -11.27 19.64
C THR B 310 -22.58 -10.20 19.06
N ASN B 311 -22.61 -10.08 17.73
CA ASN B 311 -23.49 -9.13 17.08
C ASN B 311 -24.95 -9.38 17.44
N ILE B 312 -25.36 -10.65 17.41
CA ILE B 312 -26.73 -11.01 17.80
C ILE B 312 -27.03 -10.55 19.24
N TRP B 313 -26.11 -10.86 20.14
CA TRP B 313 -26.24 -10.47 21.55
C TRP B 313 -26.47 -8.97 21.70
N VAL B 314 -25.63 -8.18 21.03
CA VAL B 314 -25.77 -6.72 21.08
C VAL B 314 -27.07 -6.23 20.46
N VAL B 315 -27.38 -6.71 19.26
CA VAL B 315 -28.59 -6.29 18.59
C VAL B 315 -29.84 -6.60 19.44
N GLU B 316 -29.91 -7.81 19.97
CA GLU B 316 -31.06 -8.21 20.80
C GLU B 316 -31.09 -7.50 22.14
N SER B 317 -29.91 -7.12 22.63
CA SER B 317 -29.82 -6.29 23.83
C SER B 317 -30.56 -4.97 23.65
N PHE B 318 -30.47 -4.41 22.44
CA PHE B 318 -31.16 -3.17 22.11
C PHE B 318 -32.61 -3.38 21.67
N LEU B 319 -32.88 -4.43 20.90
CA LEU B 319 -34.18 -4.54 20.21
C LEU B 319 -35.14 -5.60 20.73
N GLY B 320 -34.70 -6.42 21.68
CA GLY B 320 -35.52 -7.53 22.14
C GLY B 320 -35.16 -8.76 21.32
N ARG B 321 -35.80 -9.90 21.60
CA ARG B 321 -35.48 -11.12 20.86
C ARG B 321 -35.89 -10.97 19.40
N ILE B 322 -34.99 -11.33 18.48
CA ILE B 322 -35.21 -11.15 17.04
C ILE B 322 -34.78 -12.38 16.23
N PHE B 323 -33.69 -13.01 16.65
CA PHE B 323 -33.08 -14.07 15.86
C PHE B 323 -33.29 -15.44 16.46
N ASP B 324 -33.54 -16.41 15.60
CA ASP B 324 -33.49 -17.79 16.01
C ASP B 324 -32.25 -18.40 15.37
N VAL B 325 -31.38 -19.00 16.18
CA VAL B 325 -30.14 -19.60 15.66
C VAL B 325 -30.12 -21.12 15.84
N ASP B 326 -29.91 -21.82 14.73
CA ASP B 326 -29.74 -23.26 14.74
C ASP B 326 -28.30 -23.54 14.31
N GLY B 327 -27.50 -24.13 15.20
CA GLY B 327 -26.10 -24.40 14.91
C GLY B 327 -25.18 -23.86 16.01
N ASN B 328 -24.10 -24.57 16.28
CA ASN B 328 -23.15 -24.16 17.30
C ASN B 328 -22.00 -23.36 16.70
N VAL B 329 -21.33 -22.57 17.53
CA VAL B 329 -20.17 -21.81 17.07
C VAL B 329 -19.18 -22.76 16.41
N GLY B 330 -18.69 -22.39 15.23
CA GLY B 330 -17.74 -23.22 14.49
C GLY B 330 -18.36 -24.14 13.47
N GLU B 331 -19.70 -24.23 13.46
CA GLU B 331 -20.45 -25.14 12.59
C GLU B 331 -21.31 -24.35 11.61
N PRO B 332 -21.74 -24.97 10.49
CA PRO B 332 -22.71 -24.30 9.63
C PRO B 332 -23.99 -23.99 10.40
N GLY B 333 -24.68 -22.92 10.06
CA GLY B 333 -25.81 -22.52 10.87
C GLY B 333 -26.93 -21.86 10.09
N LYS B 334 -28.07 -21.74 10.74
CA LYS B 334 -29.24 -21.12 10.15
C LYS B 334 -29.72 -20.02 11.09
N ILE B 335 -29.77 -18.79 10.58
CA ILE B 335 -30.17 -17.64 11.38
C ILE B 335 -31.45 -17.07 10.77
N ARG B 336 -32.53 -17.14 11.52
CA ARG B 336 -33.82 -16.67 11.03
C ARG B 336 -34.24 -15.42 11.79
N VAL B 337 -34.61 -14.39 11.06
CA VAL B 337 -35.19 -13.20 11.67
C VAL B 337 -36.66 -13.50 11.94
N ILE B 338 -36.98 -13.68 13.22
CA ILE B 338 -38.32 -14.02 13.66
C ILE B 338 -39.25 -12.81 13.59
N ARG B 339 -38.74 -11.67 14.04
CA ARG B 339 -39.48 -10.42 14.02
C ARG B 339 -38.57 -9.29 13.56
N ARG B 340 -38.94 -8.60 12.49
CA ARG B 340 -38.15 -7.47 12.06
C ARG B 340 -38.70 -6.18 12.64
N VAL B 341 -37.86 -5.15 12.68
CA VAL B 341 -38.22 -3.88 13.29
C VAL B 341 -38.81 -2.92 12.27
#